data_2L7Z
#
_entry.id   2L7Z
#
_cell.length_a   1.000
_cell.length_b   1.000
_cell.length_c   1.000
_cell.angle_alpha   90.00
_cell.angle_beta   90.00
_cell.angle_gamma   90.00
#
_symmetry.space_group_name_H-M   'P 1'
#
_entity_poly.entity_id   1
_entity_poly.type   'polypeptide(L)'
_entity_poly.pdbx_seq_one_letter_code
;MSHMLEGRKKRVPYTKVQLKELEREYATNKFITKDKRRRISATTNLSERQVTIWFQNRRVKEKKVINKLKTTS
;
_entity_poly.pdbx_strand_id   A
#
# COMPACT_ATOMS: atom_id res chain seq x y z
N MET A 1 -10.71 10.86 -17.41
CA MET A 1 -11.27 10.03 -18.50
C MET A 1 -10.73 10.51 -19.85
N SER A 2 -9.50 10.15 -20.14
CA SER A 2 -8.90 10.57 -21.42
C SER A 2 -7.83 9.60 -21.88
N HIS A 3 -6.64 10.11 -22.08
CA HIS A 3 -5.55 9.22 -22.53
C HIS A 3 -5.89 8.57 -23.86
N MET A 4 -4.94 7.91 -24.44
CA MET A 4 -5.20 7.24 -25.74
C MET A 4 -6.31 6.21 -25.59
N LEU A 5 -6.58 5.48 -26.64
CA LEU A 5 -7.65 4.46 -26.58
C LEU A 5 -7.11 3.16 -26.00
N GLU A 6 -7.98 2.20 -25.83
CA GLU A 6 -7.54 0.90 -25.26
C GLU A 6 -7.17 1.05 -23.79
N GLY A 7 -7.53 0.07 -23.00
CA GLY A 7 -7.19 0.15 -21.55
C GLY A 7 -6.84 -1.25 -21.00
N ARG A 8 -7.66 -2.21 -21.33
CA ARG A 8 -7.38 -3.58 -20.84
C ARG A 8 -7.07 -3.56 -19.35
N LYS A 9 -8.10 -3.52 -18.55
CA LYS A 9 -7.88 -3.50 -17.09
C LYS A 9 -9.14 -3.94 -16.34
N LYS A 10 -9.04 -4.02 -15.04
CA LYS A 10 -10.23 -4.44 -14.25
C LYS A 10 -10.21 -3.80 -12.87
N ARG A 11 -9.79 -4.56 -11.89
CA ARG A 11 -9.75 -4.01 -10.50
C ARG A 11 -8.66 -2.96 -10.36
N VAL A 12 -9.01 -1.83 -9.79
CA VAL A 12 -8.00 -0.75 -9.62
C VAL A 12 -7.53 -0.66 -8.15
N PRO A 13 -6.28 -0.25 -7.96
CA PRO A 13 -5.72 -0.11 -6.61
C PRO A 13 -6.48 0.90 -5.77
N TYR A 14 -5.81 1.47 -4.80
CA TYR A 14 -6.48 2.48 -3.92
C TYR A 14 -6.14 3.89 -4.38
N THR A 15 -4.94 4.32 -4.06
CA THR A 15 -4.52 5.68 -4.46
C THR A 15 -3.09 5.65 -5.00
N LYS A 16 -2.73 6.68 -5.73
CA LYS A 16 -1.36 6.71 -6.28
C LYS A 16 -0.33 7.01 -5.20
N VAL A 17 -0.73 7.75 -4.19
CA VAL A 17 0.23 8.07 -3.11
C VAL A 17 0.23 6.95 -2.11
N GLN A 18 -0.76 6.14 -2.25
CA GLN A 18 -0.91 4.99 -1.36
C GLN A 18 -0.01 3.86 -1.83
N LEU A 19 -0.13 3.51 -3.08
CA LEU A 19 0.71 2.41 -3.60
C LEU A 19 2.12 2.90 -3.86
N LYS A 20 2.27 4.19 -3.92
CA LYS A 20 3.61 4.74 -4.16
C LYS A 20 4.39 4.76 -2.87
N GLU A 21 3.74 5.13 -1.80
CA GLU A 21 4.46 5.17 -0.51
C GLU A 21 4.65 3.77 0.02
N LEU A 22 3.81 2.87 -0.43
CA LEU A 22 3.93 1.48 0.04
C LEU A 22 5.13 0.79 -0.61
N GLU A 23 5.15 0.84 -1.91
CA GLU A 23 6.28 0.20 -2.65
C GLU A 23 7.59 0.96 -2.45
N ARG A 24 7.49 2.16 -1.97
CA ARG A 24 8.73 2.95 -1.76
C ARG A 24 9.39 2.58 -0.44
N GLU A 25 8.63 2.64 0.60
CA GLU A 25 9.20 2.30 1.91
C GLU A 25 9.53 0.81 1.98
N TYR A 26 8.93 0.06 1.09
CA TYR A 26 9.21 -1.40 1.08
C TYR A 26 10.37 -1.71 0.16
N ALA A 27 10.53 -0.91 -0.86
CA ALA A 27 11.65 -1.14 -1.80
C ALA A 27 12.91 -0.43 -1.33
N THR A 28 12.75 0.43 -0.35
CA THR A 28 13.92 1.16 0.18
C THR A 28 14.76 0.25 1.05
N ASN A 29 14.10 -0.53 1.86
CA ASN A 29 14.84 -1.46 2.76
C ASN A 29 14.05 -2.75 2.95
N LYS A 30 12.99 -2.67 3.70
CA LYS A 30 12.15 -3.88 3.95
C LYS A 30 10.93 -3.47 4.73
N PHE A 31 11.15 -2.69 5.75
CA PHE A 31 10.03 -2.24 6.59
C PHE A 31 10.37 -0.90 7.18
N ILE A 32 9.36 -0.19 7.59
CA ILE A 32 9.58 1.13 8.20
C ILE A 32 9.28 1.12 9.70
N THR A 33 9.80 2.12 10.38
CA THR A 33 9.57 2.21 11.85
C THR A 33 8.16 2.63 12.19
N LYS A 34 7.77 2.36 13.41
CA LYS A 34 6.40 2.74 13.85
C LYS A 34 6.09 4.17 13.46
N ASP A 35 7.05 5.03 13.55
CA ASP A 35 6.80 6.43 13.20
C ASP A 35 6.75 6.56 11.68
N LYS A 36 7.48 5.69 11.03
CA LYS A 36 7.50 5.72 9.56
C LYS A 36 6.27 5.03 8.99
N ARG A 37 5.92 3.90 9.54
CA ARG A 37 4.72 3.21 9.01
C ARG A 37 3.51 4.05 9.32
N ARG A 38 3.67 4.91 10.30
CA ARG A 38 2.55 5.78 10.69
C ARG A 38 2.44 6.92 9.70
N ARG A 39 3.58 7.33 9.18
CA ARG A 39 3.55 8.43 8.20
C ARG A 39 2.73 7.98 7.04
N ILE A 40 2.87 6.71 6.74
CA ILE A 40 2.11 6.17 5.62
C ILE A 40 0.64 6.26 5.98
N SER A 41 0.22 5.40 6.88
CA SER A 41 -1.21 5.43 7.30
C SER A 41 -1.71 6.86 7.49
N ALA A 42 -0.81 7.74 7.87
CA ALA A 42 -1.22 9.15 8.08
C ALA A 42 -1.37 9.86 6.76
N THR A 43 -0.60 9.44 5.81
CA THR A 43 -0.67 10.07 4.48
C THR A 43 -1.65 9.31 3.64
N THR A 44 -1.70 8.04 3.90
CA THR A 44 -2.61 7.15 3.18
C THR A 44 -3.95 7.09 3.90
N ASN A 45 -3.95 7.66 5.08
CA ASN A 45 -5.19 7.68 5.92
C ASN A 45 -5.72 6.29 6.23
N LEU A 46 -5.03 5.58 7.10
CA LEU A 46 -5.49 4.20 7.47
C LEU A 46 -5.57 4.07 8.99
N SER A 47 -4.96 3.02 9.53
CA SER A 47 -5.00 2.82 11.00
C SER A 47 -3.71 2.15 11.50
N GLU A 48 -2.62 2.35 10.78
CA GLU A 48 -1.33 1.75 11.20
C GLU A 48 -1.40 0.27 11.01
N ARG A 49 -2.25 -0.36 11.75
CA ARG A 49 -2.37 -1.81 11.62
C ARG A 49 -2.66 -2.14 10.17
N GLN A 50 -3.26 -1.19 9.50
CA GLN A 50 -3.60 -1.38 8.08
C GLN A 50 -2.32 -1.33 7.25
N VAL A 51 -1.41 -0.45 7.63
CA VAL A 51 -0.15 -0.37 6.86
C VAL A 51 0.55 -1.66 7.05
N THR A 52 0.67 -2.00 8.29
CA THR A 52 1.33 -3.25 8.62
C THR A 52 0.75 -4.34 7.76
N ILE A 53 -0.55 -4.28 7.63
CA ILE A 53 -1.25 -5.27 6.82
C ILE A 53 -0.98 -4.98 5.37
N TRP A 54 -0.79 -3.74 5.07
CA TRP A 54 -0.53 -3.37 3.69
C TRP A 54 0.78 -3.98 3.29
N PHE A 55 1.74 -3.86 4.15
CA PHE A 55 3.04 -4.43 3.82
C PHE A 55 2.93 -5.94 3.58
N GLN A 56 2.21 -6.61 4.44
CA GLN A 56 2.06 -8.07 4.26
C GLN A 56 1.31 -8.36 2.96
N ASN A 57 0.38 -7.50 2.65
CA ASN A 57 -0.41 -7.69 1.42
C ASN A 57 0.49 -7.43 0.24
N ARG A 58 1.30 -6.43 0.39
CA ARG A 58 2.21 -6.08 -0.70
C ARG A 58 3.16 -7.24 -0.90
N ARG A 59 3.27 -8.06 0.12
CA ARG A 59 4.18 -9.23 0.02
C ARG A 59 3.40 -10.36 -0.59
N VAL A 60 2.12 -10.24 -0.47
CA VAL A 60 1.23 -11.25 -1.02
C VAL A 60 0.81 -10.86 -2.44
N LYS A 61 0.96 -9.59 -2.73
CA LYS A 61 0.60 -9.10 -4.08
C LYS A 61 1.80 -9.11 -5.01
N GLU A 62 2.99 -9.08 -4.44
CA GLU A 62 4.20 -9.08 -5.29
C GLU A 62 4.41 -10.45 -5.89
N LYS A 63 4.24 -11.46 -5.09
CA LYS A 63 4.43 -12.83 -5.62
C LYS A 63 3.57 -13.03 -6.86
N LYS A 64 2.55 -12.22 -7.00
CA LYS A 64 1.67 -12.35 -8.19
C LYS A 64 2.44 -12.09 -9.48
N VAL A 65 3.55 -11.41 -9.35
CA VAL A 65 4.37 -11.13 -10.56
C VAL A 65 5.37 -12.23 -10.80
N ILE A 66 6.32 -11.98 -11.68
CA ILE A 66 7.34 -13.01 -11.97
C ILE A 66 6.70 -14.38 -12.12
N ASN A 67 5.43 -14.38 -12.44
CA ASN A 67 4.72 -15.68 -12.60
C ASN A 67 3.73 -15.61 -13.76
N LYS A 68 3.76 -14.52 -14.48
CA LYS A 68 2.84 -14.35 -15.64
C LYS A 68 3.62 -14.04 -16.90
N LEU A 69 4.88 -14.37 -16.91
CA LEU A 69 5.71 -14.11 -18.10
C LEU A 69 5.39 -15.10 -19.21
N LYS A 70 5.52 -16.36 -18.91
CA LYS A 70 5.23 -17.40 -19.94
C LYS A 70 3.75 -17.46 -20.23
N THR A 71 2.95 -17.41 -19.21
CA THR A 71 1.48 -17.47 -19.41
C THR A 71 1.09 -18.76 -20.10
N THR A 72 1.73 -19.84 -19.72
CA THR A 72 1.41 -21.14 -20.34
C THR A 72 -0.04 -21.54 -20.07
N SER A 73 -0.75 -20.67 -19.40
CA SER A 73 -2.17 -20.99 -19.08
C SER A 73 -2.98 -21.14 -20.36
N MET A 1 -13.93 0.05 24.10
CA MET A 1 -14.27 1.45 24.46
C MET A 1 -15.20 2.05 23.41
N SER A 2 -16.04 1.21 22.84
CA SER A 2 -16.98 1.71 21.80
C SER A 2 -18.02 0.66 21.46
N HIS A 3 -19.26 1.05 21.47
CA HIS A 3 -20.33 0.09 21.15
C HIS A 3 -21.54 0.80 20.55
N MET A 4 -21.28 1.88 19.86
CA MET A 4 -22.38 2.64 19.23
C MET A 4 -21.84 3.68 18.26
N LEU A 5 -21.94 3.38 16.98
CA LEU A 5 -21.44 4.34 15.97
C LEU A 5 -22.36 4.40 14.77
N GLU A 6 -22.08 5.31 13.87
CA GLU A 6 -22.94 5.44 12.67
C GLU A 6 -22.13 5.90 11.47
N GLY A 7 -20.83 5.83 11.61
CA GLY A 7 -19.95 6.27 10.47
C GLY A 7 -20.25 5.43 9.23
N ARG A 8 -20.63 6.10 8.17
CA ARG A 8 -20.93 5.36 6.91
C ARG A 8 -19.82 4.36 6.60
N LYS A 9 -20.14 3.41 5.76
CA LYS A 9 -19.12 2.39 5.40
C LYS A 9 -18.17 2.94 4.34
N LYS A 10 -17.00 2.38 4.28
CA LYS A 10 -16.02 2.86 3.28
C LYS A 10 -15.11 1.73 2.82
N ARG A 11 -14.84 1.68 1.54
CA ARG A 11 -13.97 0.60 1.02
C ARG A 11 -12.50 0.93 1.28
N VAL A 12 -11.65 0.01 0.98
CA VAL A 12 -10.20 0.26 1.21
C VAL A 12 -9.69 1.37 0.28
N PRO A 13 -8.90 2.30 0.82
CA PRO A 13 -8.37 3.40 0.01
C PRO A 13 -7.59 2.88 -1.18
N TYR A 14 -6.37 2.47 -0.95
CA TYR A 14 -5.55 1.94 -2.07
C TYR A 14 -5.52 2.94 -3.24
N THR A 15 -4.91 4.08 -3.02
CA THR A 15 -4.83 5.09 -4.11
C THR A 15 -3.51 5.01 -4.83
N LYS A 16 -3.19 6.04 -5.56
CA LYS A 16 -1.91 6.04 -6.30
C LYS A 16 -0.75 6.63 -5.50
N VAL A 17 -1.04 7.54 -4.60
CA VAL A 17 0.06 8.14 -3.80
C VAL A 17 0.25 7.32 -2.56
N GLN A 18 -0.80 6.71 -2.17
CA GLN A 18 -0.78 5.86 -0.98
C GLN A 18 -0.11 4.53 -1.31
N LEU A 19 -0.49 3.94 -2.42
CA LEU A 19 0.11 2.66 -2.79
C LEU A 19 1.52 2.90 -3.31
N LYS A 20 1.73 4.04 -3.88
CA LYS A 20 3.07 4.35 -4.41
C LYS A 20 4.01 4.48 -3.24
N GLU A 21 3.52 5.09 -2.20
CA GLU A 21 4.35 5.25 -1.02
C GLU A 21 4.66 3.89 -0.46
N LEU A 22 3.82 2.93 -0.80
CA LEU A 22 4.04 1.56 -0.29
C LEU A 22 5.26 0.93 -0.94
N GLU A 23 5.26 0.90 -2.25
CA GLU A 23 6.42 0.30 -2.97
C GLU A 23 7.68 1.08 -2.71
N ARG A 24 7.52 2.26 -2.21
CA ARG A 24 8.70 3.09 -1.92
C ARG A 24 9.31 2.71 -0.58
N GLU A 25 8.48 2.64 0.42
CA GLU A 25 9.00 2.28 1.76
C GLU A 25 9.39 0.81 1.79
N TYR A 26 8.95 0.07 0.81
CA TYR A 26 9.30 -1.38 0.78
C TYR A 26 10.60 -1.58 0.04
N ALA A 27 10.74 -0.88 -1.04
CA ALA A 27 11.98 -1.01 -1.83
C ALA A 27 13.13 -0.30 -1.14
N THR A 28 12.80 0.51 -0.17
CA THR A 28 13.84 1.24 0.56
C THR A 28 14.61 0.29 1.47
N ASN A 29 13.92 -0.65 2.03
CA ASN A 29 14.60 -1.62 2.94
C ASN A 29 13.83 -2.93 3.04
N LYS A 30 12.95 -2.99 3.99
CA LYS A 30 12.14 -4.22 4.17
C LYS A 30 10.86 -3.83 4.84
N PHE A 31 11.01 -3.04 5.85
CA PHE A 31 9.86 -2.57 6.60
C PHE A 31 10.18 -1.21 7.16
N ILE A 32 9.16 -0.49 7.52
CA ILE A 32 9.39 0.85 8.06
C ILE A 32 9.10 0.91 9.57
N THR A 33 9.79 1.78 10.23
CA THR A 33 9.62 1.93 11.70
C THR A 33 8.21 2.39 12.04
N LYS A 34 7.82 2.13 13.26
CA LYS A 34 6.46 2.55 13.68
C LYS A 34 6.24 4.01 13.33
N ASP A 35 7.27 4.78 13.44
CA ASP A 35 7.13 6.20 13.10
C ASP A 35 6.98 6.34 11.61
N LYS A 36 7.54 5.38 10.92
CA LYS A 36 7.45 5.41 9.45
C LYS A 36 6.18 4.71 9.01
N ARG A 37 5.68 3.83 9.85
CA ARG A 37 4.45 3.10 9.50
C ARG A 37 3.31 4.08 9.59
N ARG A 38 3.36 4.87 10.64
CA ARG A 38 2.31 5.87 10.85
C ARG A 38 2.43 6.99 9.84
N ARG A 39 3.63 7.26 9.41
CA ARG A 39 3.79 8.32 8.43
C ARG A 39 2.96 7.97 7.25
N ILE A 40 3.06 6.74 6.85
CA ILE A 40 2.28 6.30 5.71
C ILE A 40 0.82 6.50 6.03
N SER A 41 0.30 5.64 6.90
CA SER A 41 -1.14 5.76 7.28
C SER A 41 -1.51 7.22 7.54
N ALA A 42 -0.57 7.99 8.01
CA ALA A 42 -0.86 9.41 8.28
C ALA A 42 -0.94 10.19 6.98
N THR A 43 -0.14 9.79 6.04
CA THR A 43 -0.13 10.48 4.74
C THR A 43 -1.11 9.80 3.81
N THR A 44 -1.33 8.55 4.08
CA THR A 44 -2.26 7.76 3.27
C THR A 44 -3.62 7.68 3.94
N ASN A 45 -3.66 8.06 5.19
CA ASN A 45 -4.93 8.03 5.96
C ASN A 45 -5.40 6.60 6.29
N LEU A 46 -4.60 5.89 7.06
CA LEU A 46 -4.99 4.49 7.43
C LEU A 46 -5.06 4.34 8.95
N SER A 47 -4.24 3.46 9.48
CA SER A 47 -4.23 3.26 10.96
C SER A 47 -3.01 2.46 11.39
N GLU A 48 -1.97 2.49 10.59
CA GLU A 48 -0.74 1.75 10.92
C GLU A 48 -1.02 0.28 10.88
N ARG A 49 -1.85 -0.16 11.78
CA ARG A 49 -2.18 -1.58 11.81
C ARG A 49 -2.66 -1.98 10.44
N GLN A 50 -3.29 -1.04 9.78
CA GLN A 50 -3.79 -1.30 8.43
C GLN A 50 -2.62 -1.33 7.47
N VAL A 51 -1.61 -0.52 7.74
CA VAL A 51 -0.46 -0.54 6.84
C VAL A 51 0.23 -1.86 7.02
N THR A 52 0.39 -2.22 8.26
CA THR A 52 1.04 -3.49 8.55
C THR A 52 0.39 -4.55 7.69
N ILE A 53 -0.90 -4.44 7.60
CA ILE A 53 -1.67 -5.38 6.81
C ILE A 53 -1.45 -5.06 5.34
N TRP A 54 -1.20 -3.81 5.09
CA TRP A 54 -0.97 -3.39 3.71
C TRP A 54 0.33 -3.98 3.25
N PHE A 55 1.30 -3.97 4.13
CA PHE A 55 2.60 -4.54 3.73
C PHE A 55 2.48 -6.02 3.46
N GLN A 56 1.68 -6.70 4.25
CA GLN A 56 1.51 -8.15 4.04
C GLN A 56 0.85 -8.41 2.70
N ASN A 57 0.02 -7.50 2.28
CA ASN A 57 -0.66 -7.67 0.99
C ASN A 57 0.31 -7.39 -0.11
N ARG A 58 1.24 -6.56 0.20
CA ARG A 58 2.25 -6.21 -0.78
C ARG A 58 3.31 -7.30 -0.80
N ARG A 59 3.28 -8.11 0.24
CA ARG A 59 4.26 -9.22 0.31
C ARG A 59 3.68 -10.44 -0.34
N VAL A 60 2.39 -10.42 -0.45
CA VAL A 60 1.69 -11.54 -1.06
C VAL A 60 1.54 -11.31 -2.57
N LYS A 61 1.56 -10.06 -2.95
CA LYS A 61 1.42 -9.74 -4.39
C LYS A 61 2.79 -9.68 -5.08
N GLU A 62 3.80 -9.35 -4.31
CA GLU A 62 5.16 -9.27 -4.90
C GLU A 62 5.73 -10.65 -5.10
N LYS A 63 5.53 -11.49 -4.13
CA LYS A 63 6.06 -12.87 -4.24
C LYS A 63 5.46 -13.58 -5.44
N LYS A 64 4.46 -12.99 -6.03
CA LYS A 64 3.82 -13.62 -7.22
C LYS A 64 4.41 -13.07 -8.50
N VAL A 65 5.24 -12.06 -8.37
CA VAL A 65 5.86 -11.45 -9.57
C VAL A 65 7.36 -11.24 -9.34
N ILE A 66 8.13 -12.23 -9.68
CA ILE A 66 9.59 -12.13 -9.50
C ILE A 66 10.29 -13.31 -10.17
N ASN A 67 9.58 -14.40 -10.27
CA ASN A 67 10.17 -15.60 -10.91
C ASN A 67 10.34 -15.39 -12.41
N LYS A 68 9.37 -14.74 -13.01
CA LYS A 68 9.45 -14.51 -14.47
C LYS A 68 10.49 -13.44 -14.79
N LEU A 69 10.54 -12.42 -13.96
CA LEU A 69 11.52 -11.34 -14.21
C LEU A 69 12.92 -11.77 -13.79
N LYS A 70 13.86 -10.87 -13.91
CA LYS A 70 15.26 -11.20 -13.53
C LYS A 70 15.93 -10.02 -12.85
N THR A 71 16.39 -10.23 -11.64
CA THR A 71 17.06 -9.13 -10.92
C THR A 71 18.39 -8.79 -11.57
N THR A 72 19.06 -7.81 -11.03
CA THR A 72 20.37 -7.41 -11.61
C THR A 72 21.30 -6.90 -10.52
N SER A 73 22.32 -7.68 -10.22
CA SER A 73 23.28 -7.25 -9.16
C SER A 73 22.56 -6.62 -7.97
N MET A 1 -18.34 -9.55 -17.93
CA MET A 1 -18.77 -8.24 -17.37
C MET A 1 -18.86 -8.32 -15.85
N SER A 2 -19.92 -7.78 -15.30
CA SER A 2 -20.08 -7.81 -13.83
C SER A 2 -18.86 -7.23 -13.13
N HIS A 3 -18.87 -7.25 -11.83
CA HIS A 3 -17.72 -6.71 -11.08
C HIS A 3 -17.70 -7.24 -9.66
N MET A 4 -16.53 -7.53 -9.16
CA MET A 4 -16.42 -8.06 -7.78
C MET A 4 -16.66 -6.95 -6.77
N LEU A 5 -17.37 -7.27 -5.72
CA LEU A 5 -17.64 -6.24 -4.69
C LEU A 5 -18.50 -5.11 -5.24
N GLU A 6 -19.24 -4.48 -4.38
CA GLU A 6 -20.11 -3.35 -4.83
C GLU A 6 -19.26 -2.15 -5.22
N GLY A 7 -18.24 -1.91 -4.45
CA GLY A 7 -17.35 -0.75 -4.75
C GLY A 7 -16.93 -0.07 -3.45
N ARG A 8 -17.74 -0.24 -2.43
CA ARG A 8 -17.41 0.38 -1.13
C ARG A 8 -17.06 1.86 -1.30
N LYS A 9 -18.06 2.69 -1.27
CA LYS A 9 -17.80 4.14 -1.44
C LYS A 9 -17.49 4.79 -0.10
N LYS A 10 -18.03 5.97 0.11
CA LYS A 10 -17.78 6.67 1.38
C LYS A 10 -16.29 6.67 1.72
N ARG A 11 -15.96 6.34 2.93
CA ARG A 11 -14.53 6.31 3.32
C ARG A 11 -13.75 5.36 2.42
N VAL A 12 -12.92 5.92 1.58
CA VAL A 12 -12.13 5.07 0.67
C VAL A 12 -11.08 5.90 -0.10
N PRO A 13 -9.88 5.97 0.44
CA PRO A 13 -8.81 6.73 -0.20
C PRO A 13 -8.44 6.11 -1.54
N TYR A 14 -7.71 5.02 -1.48
CA TYR A 14 -7.32 4.36 -2.74
C TYR A 14 -6.76 5.37 -3.74
N THR A 15 -5.51 5.76 -3.55
CA THR A 15 -4.89 6.75 -4.48
C THR A 15 -3.59 6.21 -5.03
N LYS A 16 -2.92 7.02 -5.82
CA LYS A 16 -1.65 6.57 -6.40
C LYS A 16 -0.50 6.89 -5.46
N VAL A 17 -0.75 7.79 -4.56
CA VAL A 17 0.31 8.16 -3.60
C VAL A 17 0.33 7.15 -2.48
N GLN A 18 -0.73 6.43 -2.38
CA GLN A 18 -0.83 5.41 -1.33
C GLN A 18 -0.09 4.15 -1.77
N LEU A 19 -0.40 3.66 -2.94
CA LEU A 19 0.29 2.45 -3.43
C LEU A 19 1.71 2.77 -3.79
N LYS A 20 1.93 4.01 -4.12
CA LYS A 20 3.28 4.42 -4.48
C LYS A 20 4.14 4.43 -3.26
N GLU A 21 3.65 5.05 -2.21
CA GLU A 21 4.45 5.10 -0.98
C GLU A 21 4.55 3.71 -0.35
N LEU A 22 3.71 2.81 -0.79
CA LEU A 22 3.76 1.44 -0.23
C LEU A 22 4.87 0.61 -0.90
N GLU A 23 5.07 0.83 -2.18
CA GLU A 23 6.12 0.06 -2.89
C GLU A 23 7.44 0.76 -2.83
N ARG A 24 7.38 2.02 -2.52
CA ARG A 24 8.62 2.79 -2.43
C ARG A 24 9.18 2.65 -1.03
N GLU A 25 8.30 2.56 -0.07
CA GLU A 25 8.77 2.42 1.32
C GLU A 25 9.33 1.02 1.49
N TYR A 26 8.74 0.08 0.77
CA TYR A 26 9.22 -1.30 0.87
C TYR A 26 10.55 -1.42 0.14
N ALA A 27 10.65 -0.68 -0.93
CA ALA A 27 11.89 -0.71 -1.71
C ALA A 27 13.00 0.00 -0.96
N THR A 28 12.63 0.98 -0.18
CA THR A 28 13.64 1.71 0.58
C THR A 28 14.48 0.73 1.36
N ASN A 29 13.82 -0.26 1.87
CA ASN A 29 14.56 -1.28 2.66
C ASN A 29 13.76 -2.57 2.78
N LYS A 30 12.95 -2.64 3.79
CA LYS A 30 12.12 -3.85 3.99
C LYS A 30 10.89 -3.48 4.78
N PHE A 31 11.11 -2.78 5.85
CA PHE A 31 9.99 -2.36 6.68
C PHE A 31 10.35 -1.06 7.38
N ILE A 32 9.35 -0.32 7.76
CA ILE A 32 9.62 0.97 8.44
C ILE A 32 9.24 0.93 9.92
N THR A 33 9.80 1.85 10.65
CA THR A 33 9.52 1.92 12.12
C THR A 33 8.07 2.31 12.42
N LYS A 34 7.64 2.03 13.63
CA LYS A 34 6.24 2.37 14.01
C LYS A 34 5.92 3.82 13.68
N ASP A 35 6.90 4.67 13.77
CA ASP A 35 6.65 6.08 13.45
C ASP A 35 6.64 6.27 11.95
N LYS A 36 7.43 5.46 11.29
CA LYS A 36 7.49 5.56 9.82
C LYS A 36 6.32 4.84 9.17
N ARG A 37 5.93 3.72 9.72
CA ARG A 37 4.79 3.01 9.11
C ARG A 37 3.54 3.81 9.39
N ARG A 38 3.58 4.49 10.50
CA ARG A 38 2.43 5.30 10.88
C ARG A 38 2.39 6.55 10.03
N ARG A 39 3.55 6.95 9.57
CA ARG A 39 3.61 8.15 8.72
C ARG A 39 2.81 7.84 7.50
N ILE A 40 3.02 6.66 6.98
CA ILE A 40 2.29 6.26 5.79
C ILE A 40 0.82 6.39 6.10
N SER A 41 0.31 5.48 6.92
CA SER A 41 -1.14 5.54 7.26
C SER A 41 -1.58 6.98 7.52
N ALA A 42 -0.69 7.75 8.10
CA ALA A 42 -1.04 9.17 8.39
C ALA A 42 -1.02 10.00 7.13
N THR A 43 -0.20 9.61 6.21
CA THR A 43 -0.13 10.36 4.94
C THR A 43 -1.11 9.77 3.97
N THR A 44 -1.34 8.50 4.16
CA THR A 44 -2.28 7.78 3.30
C THR A 44 -3.66 7.79 3.92
N ASN A 45 -3.71 8.18 5.18
CA ASN A 45 -5.01 8.23 5.89
C ASN A 45 -5.58 6.84 6.21
N LEU A 46 -4.87 6.08 7.04
CA LEU A 46 -5.38 4.70 7.39
C LEU A 46 -5.39 4.53 8.92
N SER A 47 -4.73 3.50 9.40
CA SER A 47 -4.71 3.27 10.87
C SER A 47 -3.47 2.46 11.28
N GLU A 48 -2.39 2.62 10.55
CA GLU A 48 -1.14 1.87 10.86
C GLU A 48 -1.37 0.40 10.68
N ARG A 49 -2.22 -0.14 11.48
CA ARG A 49 -2.52 -1.57 11.37
C ARG A 49 -2.77 -1.87 9.92
N GLN A 50 -3.36 -0.91 9.26
CA GLN A 50 -3.65 -1.07 7.83
C GLN A 50 -2.34 -1.16 7.07
N VAL A 51 -1.47 -0.21 7.32
CA VAL A 51 -0.17 -0.23 6.61
C VAL A 51 0.49 -1.55 6.92
N THR A 52 0.60 -1.80 8.17
CA THR A 52 1.22 -3.05 8.60
C THR A 52 0.62 -4.19 7.81
N ILE A 53 -0.67 -4.10 7.70
CA ILE A 53 -1.41 -5.13 6.94
C ILE A 53 -1.18 -4.92 5.47
N TRP A 54 -0.83 -3.72 5.14
CA TRP A 54 -0.58 -3.39 3.74
C TRP A 54 0.73 -4.02 3.34
N PHE A 55 1.71 -3.81 4.15
CA PHE A 55 3.02 -4.40 3.81
C PHE A 55 2.90 -5.90 3.60
N GLN A 56 2.21 -6.56 4.50
CA GLN A 56 2.05 -8.02 4.36
C GLN A 56 1.35 -8.35 3.06
N ASN A 57 0.42 -7.50 2.68
CA ASN A 57 -0.31 -7.75 1.42
C ASN A 57 0.63 -7.52 0.28
N ARG A 58 1.37 -6.47 0.39
CA ARG A 58 2.32 -6.15 -0.65
C ARG A 58 3.29 -7.32 -0.80
N ARG A 59 3.36 -8.13 0.22
CA ARG A 59 4.27 -9.29 0.18
C ARG A 59 3.51 -10.45 -0.39
N VAL A 60 2.22 -10.35 -0.31
CA VAL A 60 1.36 -11.39 -0.82
C VAL A 60 1.04 -11.11 -2.29
N LYS A 61 1.30 -9.88 -2.67
CA LYS A 61 1.04 -9.47 -4.06
C LYS A 61 2.27 -9.69 -4.90
N GLU A 62 3.41 -9.54 -4.28
CA GLU A 62 4.67 -9.74 -5.03
C GLU A 62 4.71 -11.15 -5.56
N LYS A 63 3.97 -12.00 -4.91
CA LYS A 63 3.93 -13.40 -5.33
C LYS A 63 3.36 -13.51 -6.72
N LYS A 64 2.53 -12.56 -7.06
CA LYS A 64 1.93 -12.58 -8.41
C LYS A 64 3.02 -12.50 -9.47
N VAL A 65 4.26 -12.56 -9.03
CA VAL A 65 5.40 -12.51 -9.99
C VAL A 65 6.34 -13.69 -9.78
N ILE A 66 7.20 -13.92 -10.75
CA ILE A 66 8.15 -15.04 -10.63
C ILE A 66 7.42 -16.35 -10.35
N ASN A 67 6.15 -16.38 -10.68
CA ASN A 67 5.35 -17.61 -10.46
C ASN A 67 4.46 -17.91 -11.65
N LYS A 68 3.95 -16.86 -12.25
CA LYS A 68 3.06 -17.07 -13.44
C LYS A 68 3.37 -16.02 -14.51
N LEU A 69 3.42 -14.78 -14.10
CA LEU A 69 3.71 -13.71 -15.09
C LEU A 69 5.09 -13.90 -15.70
N LYS A 70 5.17 -13.76 -17.00
CA LYS A 70 6.49 -13.93 -17.66
C LYS A 70 6.60 -13.00 -18.87
N THR A 71 6.34 -13.54 -20.03
CA THR A 71 6.43 -12.73 -21.28
C THR A 71 7.61 -11.77 -21.24
N THR A 72 8.59 -12.09 -20.42
CA THR A 72 9.78 -11.21 -20.31
C THR A 72 9.40 -9.73 -20.41
N SER A 73 10.25 -8.97 -21.03
CA SER A 73 9.96 -7.53 -21.18
C SER A 73 8.59 -7.31 -21.81
N MET A 1 -16.78 7.12 13.20
CA MET A 1 -15.79 6.01 13.32
C MET A 1 -14.38 6.53 13.01
N SER A 2 -14.31 7.55 12.20
CA SER A 2 -13.00 8.11 11.84
C SER A 2 -13.10 9.61 11.59
N HIS A 3 -14.03 10.24 12.25
CA HIS A 3 -14.21 11.71 12.08
C HIS A 3 -14.53 12.02 10.62
N MET A 4 -14.90 13.25 10.37
CA MET A 4 -15.24 13.65 8.98
C MET A 4 -15.23 15.16 8.83
N LEU A 5 -14.06 15.74 8.83
CA LEU A 5 -13.95 17.20 8.68
C LEU A 5 -12.52 17.62 8.40
N GLU A 6 -11.60 16.74 8.68
CA GLU A 6 -10.17 17.07 8.44
C GLU A 6 -9.83 16.90 6.96
N GLY A 7 -10.81 16.58 6.17
CA GLY A 7 -10.55 16.40 4.72
C GLY A 7 -11.73 15.67 4.05
N ARG A 8 -12.31 16.32 3.06
CA ARG A 8 -13.46 15.69 2.35
C ARG A 8 -13.07 15.28 0.93
N LYS A 9 -11.79 15.30 0.67
CA LYS A 9 -11.32 14.90 -0.68
C LYS A 9 -11.31 13.38 -0.82
N LYS A 10 -12.37 12.85 -1.36
CA LYS A 10 -12.44 11.38 -1.53
C LYS A 10 -11.99 10.66 -0.26
N ARG A 11 -12.89 10.50 0.67
CA ARG A 11 -12.53 9.82 1.93
C ARG A 11 -11.72 8.56 1.63
N VAL A 12 -12.11 7.87 0.59
CA VAL A 12 -11.38 6.64 0.22
C VAL A 12 -9.90 6.96 -0.04
N PRO A 13 -9.06 5.98 0.18
CA PRO A 13 -7.62 6.15 -0.03
C PRO A 13 -7.33 6.68 -1.44
N TYR A 14 -6.22 7.36 -1.57
CA TYR A 14 -5.86 7.92 -2.90
C TYR A 14 -5.31 6.82 -3.82
N THR A 15 -5.05 5.69 -3.24
CA THR A 15 -4.51 4.54 -4.02
C THR A 15 -3.16 4.88 -4.66
N LYS A 16 -3.18 5.38 -5.87
CA LYS A 16 -1.89 5.73 -6.54
C LYS A 16 -0.87 6.34 -5.59
N VAL A 17 -1.30 7.26 -4.78
CA VAL A 17 -0.35 7.89 -3.82
C VAL A 17 -0.14 6.96 -2.66
N GLN A 18 -1.15 6.21 -2.41
CA GLN A 18 -1.13 5.25 -1.30
C GLN A 18 -0.23 4.06 -1.66
N LEU A 19 -0.46 3.49 -2.82
CA LEU A 19 0.36 2.33 -3.23
C LEU A 19 1.77 2.79 -3.56
N LYS A 20 1.92 4.08 -3.79
CA LYS A 20 3.26 4.59 -4.11
C LYS A 20 4.09 4.65 -2.86
N GLU A 21 3.53 5.18 -1.81
CA GLU A 21 4.31 5.26 -0.56
C GLU A 21 4.54 3.87 -0.01
N LEU A 22 3.74 2.94 -0.43
CA LEU A 22 3.90 1.55 0.07
C LEU A 22 5.08 0.85 -0.62
N GLU A 23 5.10 0.88 -1.92
CA GLU A 23 6.19 0.21 -2.67
C GLU A 23 7.51 0.99 -2.54
N ARG A 24 7.42 2.21 -2.11
CA ARG A 24 8.66 3.00 -1.96
C ARG A 24 9.30 2.72 -0.62
N GLU A 25 8.50 2.67 0.40
CA GLU A 25 9.06 2.42 1.73
C GLU A 25 9.54 0.97 1.82
N TYR A 26 9.03 0.15 0.92
CA TYR A 26 9.44 -1.28 0.93
C TYR A 26 10.71 -1.45 0.12
N ALA A 27 10.80 -0.69 -0.94
CA ALA A 27 12.00 -0.77 -1.81
C ALA A 27 13.20 -0.16 -1.10
N THR A 28 12.92 0.68 -0.14
CA THR A 28 14.03 1.33 0.60
C THR A 28 14.76 0.29 1.42
N ASN A 29 14.02 -0.61 2.00
CA ASN A 29 14.66 -1.66 2.82
C ASN A 29 13.78 -2.91 2.92
N LYS A 30 12.81 -2.86 3.79
CA LYS A 30 11.91 -4.03 3.95
C LYS A 30 10.71 -3.62 4.77
N PHE A 31 10.99 -2.91 5.83
CA PHE A 31 9.90 -2.47 6.71
C PHE A 31 10.26 -1.16 7.35
N ILE A 32 9.27 -0.44 7.81
CA ILE A 32 9.53 0.86 8.46
C ILE A 32 9.15 0.82 9.94
N THR A 33 9.72 1.72 10.69
CA THR A 33 9.42 1.77 12.14
C THR A 33 8.05 2.35 12.45
N LYS A 34 7.56 2.04 13.60
CA LYS A 34 6.23 2.53 14.02
C LYS A 34 6.05 3.99 13.65
N ASP A 35 7.07 4.78 13.84
CA ASP A 35 6.95 6.20 13.48
C ASP A 35 6.83 6.32 11.97
N LYS A 36 7.53 5.47 11.30
CA LYS A 36 7.48 5.50 9.83
C LYS A 36 6.24 4.77 9.33
N ARG A 37 5.72 3.89 10.15
CA ARG A 37 4.51 3.16 9.75
C ARG A 37 3.38 4.13 9.70
N ARG A 38 3.28 4.89 10.74
CA ARG A 38 2.20 5.87 10.83
C ARG A 38 2.42 6.96 9.79
N ARG A 39 3.65 7.16 9.37
CA ARG A 39 3.88 8.20 8.37
C ARG A 39 3.07 7.84 7.17
N ILE A 40 3.15 6.59 6.81
CA ILE A 40 2.37 6.16 5.65
C ILE A 40 0.92 6.31 6.00
N SER A 41 0.45 5.47 6.89
CA SER A 41 -0.97 5.55 7.30
C SER A 41 -1.42 7.01 7.47
N ALA A 42 -0.53 7.85 7.93
CA ALA A 42 -0.89 9.28 8.13
C ALA A 42 -0.82 10.03 6.82
N THR A 43 -0.08 9.49 5.91
CA THR A 43 0.07 10.14 4.60
C THR A 43 -1.02 9.60 3.71
N THR A 44 -1.29 8.36 3.91
CA THR A 44 -2.32 7.70 3.12
C THR A 44 -3.69 8.10 3.66
N ASN A 45 -3.67 8.51 4.92
CA ASN A 45 -4.93 8.95 5.60
C ASN A 45 -5.82 7.79 6.05
N LEU A 46 -5.36 6.99 6.97
CA LEU A 46 -6.23 5.86 7.41
C LEU A 46 -5.90 5.42 8.86
N SER A 47 -5.60 4.15 9.04
CA SER A 47 -5.29 3.67 10.41
C SER A 47 -3.80 3.58 10.65
N GLU A 48 -3.33 2.37 10.71
CA GLU A 48 -1.91 2.12 10.93
C GLU A 48 -1.71 0.64 10.77
N ARG A 49 -2.37 -0.11 11.62
CA ARG A 49 -2.23 -1.56 11.50
C ARG A 49 -2.51 -1.91 10.06
N GLN A 50 -3.36 -1.09 9.46
CA GLN A 50 -3.72 -1.31 8.06
C GLN A 50 -2.46 -1.27 7.22
N VAL A 51 -1.58 -0.34 7.53
CA VAL A 51 -0.34 -0.26 6.74
C VAL A 51 0.43 -1.51 6.96
N THR A 52 0.58 -1.83 8.19
CA THR A 52 1.31 -3.03 8.54
C THR A 52 0.75 -4.16 7.72
N ILE A 53 -0.55 -4.15 7.63
CA ILE A 53 -1.26 -5.16 6.87
C ILE A 53 -1.01 -4.93 5.39
N TRP A 54 -0.73 -3.71 5.08
CA TRP A 54 -0.47 -3.37 3.68
C TRP A 54 0.81 -4.02 3.28
N PHE A 55 1.76 -3.91 4.15
CA PHE A 55 3.05 -4.53 3.83
C PHE A 55 2.87 -6.01 3.55
N GLN A 56 2.12 -6.68 4.38
CA GLN A 56 1.90 -8.13 4.16
C GLN A 56 1.18 -8.36 2.83
N ASN A 57 0.38 -7.39 2.45
CA ASN A 57 -0.36 -7.53 1.19
C ASN A 57 0.59 -7.30 0.06
N ARG A 58 1.42 -6.33 0.24
CA ARG A 58 2.39 -6.02 -0.78
C ARG A 58 3.28 -7.25 -0.98
N ARG A 59 3.30 -8.09 0.03
CA ARG A 59 4.13 -9.31 -0.06
C ARG A 59 3.30 -10.40 -0.67
N VAL A 60 2.03 -10.22 -0.59
CA VAL A 60 1.09 -11.19 -1.14
C VAL A 60 0.80 -10.85 -2.60
N LYS A 61 1.09 -9.62 -2.95
CA LYS A 61 0.84 -9.17 -4.33
C LYS A 61 2.08 -9.41 -5.20
N GLU A 62 3.23 -9.40 -4.58
CA GLU A 62 4.47 -9.63 -5.36
C GLU A 62 4.62 -11.10 -5.69
N LYS A 63 4.29 -11.90 -4.72
CA LYS A 63 4.41 -13.37 -4.93
C LYS A 63 3.51 -13.82 -6.08
N LYS A 64 2.45 -13.10 -6.30
CA LYS A 64 1.53 -13.48 -7.40
C LYS A 64 2.26 -13.44 -8.74
N VAL A 65 3.56 -13.24 -8.67
CA VAL A 65 4.36 -13.18 -9.93
C VAL A 65 5.25 -14.41 -10.08
N ILE A 66 6.05 -14.65 -9.08
CA ILE A 66 6.95 -15.84 -9.14
C ILE A 66 6.15 -17.13 -9.24
N ASN A 67 4.87 -17.02 -9.02
CA ASN A 67 4.02 -18.23 -9.09
C ASN A 67 4.25 -18.98 -10.40
N LYS A 68 4.68 -18.26 -11.41
CA LYS A 68 4.92 -18.92 -12.72
C LYS A 68 6.39 -19.31 -12.88
N LEU A 69 7.27 -18.38 -12.60
CA LEU A 69 8.72 -18.69 -12.73
C LEU A 69 9.34 -19.10 -11.40
N LYS A 70 10.13 -20.15 -11.44
CA LYS A 70 10.77 -20.64 -10.19
C LYS A 70 12.14 -19.99 -10.01
N THR A 71 12.62 -19.98 -8.80
CA THR A 71 13.96 -19.37 -8.56
C THR A 71 14.64 -20.02 -7.35
N THR A 72 15.60 -19.33 -6.79
CA THR A 72 16.31 -19.88 -5.62
C THR A 72 16.90 -18.78 -4.76
N SER A 73 16.19 -18.42 -3.72
CA SER A 73 16.69 -17.34 -2.84
C SER A 73 17.53 -17.92 -1.71
N MET A 1 -14.38 1.08 -14.85
CA MET A 1 -14.93 0.63 -13.54
C MET A 1 -16.45 0.44 -13.64
N SER A 2 -17.09 0.40 -12.52
CA SER A 2 -18.57 0.23 -12.53
C SER A 2 -19.15 0.47 -11.15
N HIS A 3 -20.31 1.09 -11.11
CA HIS A 3 -20.93 1.36 -9.79
C HIS A 3 -19.93 1.99 -8.83
N MET A 4 -19.88 1.46 -7.63
CA MET A 4 -18.93 2.02 -6.63
C MET A 4 -19.10 3.52 -6.49
N LEU A 5 -20.25 3.93 -6.02
CA LEU A 5 -20.49 5.39 -5.86
C LEU A 5 -19.40 6.03 -5.01
N GLU A 6 -18.97 7.19 -5.41
CA GLU A 6 -17.91 7.89 -4.63
C GLU A 6 -17.99 9.39 -4.85
N GLY A 7 -17.49 9.84 -5.96
CA GLY A 7 -17.53 11.31 -6.24
C GLY A 7 -16.40 11.70 -7.20
N ARG A 8 -16.48 12.89 -7.72
CA ARG A 8 -15.43 13.34 -8.67
C ARG A 8 -14.03 13.05 -8.11
N LYS A 9 -13.12 12.72 -8.99
CA LYS A 9 -11.75 12.41 -8.53
C LYS A 9 -10.98 13.70 -8.21
N LYS A 10 -10.04 13.58 -7.31
CA LYS A 10 -9.24 14.77 -6.92
C LYS A 10 -7.89 14.76 -7.65
N ARG A 11 -7.24 15.89 -7.65
CA ARG A 11 -5.93 15.96 -8.34
C ARG A 11 -4.88 15.17 -7.57
N VAL A 12 -5.24 14.81 -6.35
CA VAL A 12 -4.30 14.03 -5.51
C VAL A 12 -5.04 12.89 -4.80
N PRO A 13 -5.38 11.87 -5.56
CA PRO A 13 -6.09 10.72 -5.03
C PRO A 13 -5.33 10.03 -3.90
N TYR A 14 -6.01 9.14 -3.22
CA TYR A 14 -5.39 8.40 -2.10
C TYR A 14 -5.57 6.91 -2.33
N THR A 15 -4.68 6.37 -3.11
CA THR A 15 -4.72 4.94 -3.43
C THR A 15 -3.52 4.64 -4.32
N LYS A 16 -3.30 5.54 -5.25
CA LYS A 16 -2.16 5.35 -6.15
C LYS A 16 -0.91 5.77 -5.42
N VAL A 17 -0.95 6.98 -4.89
CA VAL A 17 0.23 7.46 -4.14
C VAL A 17 0.40 6.55 -2.97
N GLN A 18 -0.72 6.03 -2.57
CA GLN A 18 -0.77 5.09 -1.44
C GLN A 18 0.05 3.87 -1.82
N LEU A 19 -0.29 3.28 -2.93
CA LEU A 19 0.44 2.07 -3.39
C LEU A 19 1.84 2.47 -3.87
N LYS A 20 2.02 3.74 -4.13
CA LYS A 20 3.34 4.21 -4.61
C LYS A 20 4.21 4.59 -3.43
N GLU A 21 3.60 5.14 -2.41
CA GLU A 21 4.38 5.54 -1.23
C GLU A 21 4.68 4.30 -0.44
N LEU A 22 3.94 3.30 -0.76
CA LEU A 22 4.09 2.01 -0.10
C LEU A 22 5.15 1.19 -0.81
N GLU A 23 5.10 1.21 -2.12
CA GLU A 23 6.09 0.44 -2.89
C GLU A 23 7.45 1.07 -2.72
N ARG A 24 7.42 2.31 -2.31
CA ARG A 24 8.70 3.03 -2.11
C ARG A 24 9.29 2.69 -0.77
N GLU A 25 8.49 2.81 0.25
CA GLU A 25 8.99 2.48 1.60
C GLU A 25 9.46 1.04 1.63
N TYR A 26 8.96 0.26 0.71
CA TYR A 26 9.37 -1.16 0.65
C TYR A 26 10.65 -1.30 -0.12
N ALA A 27 10.73 -0.57 -1.20
CA ALA A 27 11.95 -0.63 -2.02
C ALA A 27 13.09 0.06 -1.30
N THR A 28 12.75 0.77 -0.25
CA THR A 28 13.78 1.49 0.52
C THR A 28 14.59 0.49 1.33
N ASN A 29 13.93 -0.49 1.85
CA ASN A 29 14.64 -1.50 2.65
C ASN A 29 13.85 -2.80 2.73
N LYS A 30 12.78 -2.75 3.47
CA LYS A 30 11.92 -3.95 3.62
C LYS A 30 10.70 -3.59 4.43
N PHE A 31 10.93 -2.88 5.49
CA PHE A 31 9.82 -2.46 6.33
C PHE A 31 10.16 -1.17 7.02
N ILE A 32 9.17 -0.48 7.48
CA ILE A 32 9.40 0.81 8.16
C ILE A 32 9.11 0.71 9.66
N THR A 33 9.69 1.60 10.41
CA THR A 33 9.48 1.58 11.89
C THR A 33 8.11 2.12 12.28
N LYS A 34 7.68 1.79 13.47
CA LYS A 34 6.37 2.26 13.95
C LYS A 34 6.19 3.73 13.65
N ASP A 35 7.21 4.49 13.85
CA ASP A 35 7.08 5.93 13.58
C ASP A 35 6.93 6.13 12.09
N LYS A 36 7.48 5.23 11.34
CA LYS A 36 7.38 5.32 9.89
C LYS A 36 6.11 4.65 9.41
N ARG A 37 5.61 3.72 10.19
CA ARG A 37 4.38 3.01 9.79
C ARG A 37 3.24 4.00 9.88
N ARG A 38 3.29 4.78 10.91
CA ARG A 38 2.23 5.78 11.12
C ARG A 38 2.40 6.94 10.16
N ARG A 39 3.62 7.22 9.78
CA ARG A 39 3.81 8.34 8.83
C ARG A 39 3.01 8.04 7.61
N ILE A 40 3.10 6.82 7.18
CA ILE A 40 2.35 6.45 6.00
C ILE A 40 0.87 6.63 6.29
N SER A 41 0.36 5.75 7.12
CA SER A 41 -1.08 5.83 7.48
C SER A 41 -1.51 7.28 7.70
N ALA A 42 -0.56 8.13 8.03
CA ALA A 42 -0.92 9.55 8.25
C ALA A 42 -0.94 10.29 6.94
N THR A 43 -0.08 9.89 6.05
CA THR A 43 -0.01 10.55 4.73
C THR A 43 -0.91 9.81 3.77
N THR A 44 -1.20 8.59 4.12
CA THR A 44 -2.06 7.76 3.27
C THR A 44 -3.47 7.70 3.86
N ASN A 45 -3.57 7.93 5.15
CA ASN A 45 -4.89 7.90 5.83
C ASN A 45 -5.36 6.48 6.12
N LEU A 46 -4.45 5.63 6.55
CA LEU A 46 -4.85 4.23 6.86
C LEU A 46 -5.10 4.10 8.36
N SER A 47 -4.34 3.25 8.99
CA SER A 47 -4.53 3.06 10.45
C SER A 47 -3.32 2.36 11.06
N GLU A 48 -2.24 2.38 10.34
CA GLU A 48 -0.99 1.73 10.82
C GLU A 48 -1.19 0.27 10.77
N ARG A 49 -2.05 -0.21 11.60
CA ARG A 49 -2.31 -1.64 11.60
C ARG A 49 -2.66 -2.03 10.19
N GLN A 50 -3.38 -1.13 9.55
CA GLN A 50 -3.79 -1.38 8.17
C GLN A 50 -2.57 -1.34 7.30
N VAL A 51 -1.60 -0.53 7.69
CA VAL A 51 -0.38 -0.45 6.89
C VAL A 51 0.38 -1.73 7.04
N THR A 52 0.49 -2.14 8.26
CA THR A 52 1.19 -3.38 8.52
C THR A 52 0.58 -4.43 7.64
N ILE A 53 -0.72 -4.34 7.56
CA ILE A 53 -1.49 -5.28 6.74
C ILE A 53 -1.35 -4.89 5.27
N TRP A 54 -1.02 -3.64 5.06
CA TRP A 54 -0.85 -3.16 3.69
C TRP A 54 0.44 -3.70 3.15
N PHE A 55 1.42 -3.71 3.99
CA PHE A 55 2.73 -4.21 3.55
C PHE A 55 2.66 -5.70 3.28
N GLN A 56 1.95 -6.40 4.12
CA GLN A 56 1.83 -7.85 3.93
C GLN A 56 1.10 -8.13 2.64
N ASN A 57 0.10 -7.33 2.37
CA ASN A 57 -0.67 -7.54 1.13
C ASN A 57 0.24 -7.24 0.00
N ARG A 58 1.24 -6.46 0.30
CA ARG A 58 2.21 -6.09 -0.70
C ARG A 58 3.19 -7.24 -0.83
N ARG A 59 3.24 -8.05 0.21
CA ARG A 59 4.15 -9.21 0.20
C ARG A 59 3.42 -10.38 -0.38
N VAL A 60 2.13 -10.22 -0.41
CA VAL A 60 1.28 -11.28 -0.96
C VAL A 60 1.09 -11.06 -2.44
N LYS A 61 1.29 -9.83 -2.86
CA LYS A 61 1.14 -9.50 -4.28
C LYS A 61 2.47 -9.67 -5.01
N GLU A 62 3.54 -9.51 -4.28
CA GLU A 62 4.87 -9.66 -4.90
C GLU A 62 5.23 -11.13 -5.01
N LYS A 63 4.91 -11.88 -4.00
CA LYS A 63 5.22 -13.32 -4.02
C LYS A 63 4.39 -14.05 -5.06
N LYS A 64 3.34 -13.41 -5.51
CA LYS A 64 2.47 -14.04 -6.52
C LYS A 64 3.10 -13.96 -7.91
N VAL A 65 3.91 -12.97 -8.12
CA VAL A 65 4.56 -12.82 -9.44
C VAL A 65 5.59 -13.93 -9.66
N ILE A 66 5.35 -15.07 -9.06
CA ILE A 66 6.30 -16.20 -9.20
C ILE A 66 5.76 -17.25 -10.18
N ASN A 67 4.48 -17.51 -10.09
CA ASN A 67 3.88 -18.53 -11.00
C ASN A 67 3.96 -18.07 -12.46
N LYS A 68 4.25 -16.82 -12.65
CA LYS A 68 4.35 -16.28 -14.03
C LYS A 68 5.54 -15.32 -14.14
N LEU A 69 5.69 -14.73 -15.28
CA LEU A 69 6.82 -13.78 -15.46
C LEU A 69 8.11 -14.37 -14.88
N LYS A 70 9.03 -13.53 -14.52
CA LYS A 70 10.31 -14.04 -13.95
C LYS A 70 11.09 -12.91 -13.26
N THR A 71 12.33 -13.19 -12.96
CA THR A 71 13.17 -12.16 -12.29
C THR A 71 14.07 -11.44 -13.29
N THR A 72 13.74 -11.57 -14.54
CA THR A 72 14.57 -10.90 -15.58
C THR A 72 16.05 -11.05 -15.30
N SER A 73 16.63 -10.05 -14.70
CA SER A 73 18.07 -10.12 -14.38
C SER A 73 18.39 -9.35 -13.10
N MET A 1 -20.03 25.63 -2.25
CA MET A 1 -19.94 26.11 -3.66
C MET A 1 -20.15 24.93 -4.61
N SER A 2 -21.28 24.91 -5.26
CA SER A 2 -21.56 23.81 -6.21
C SER A 2 -21.02 24.13 -7.59
N HIS A 3 -21.52 23.44 -8.59
CA HIS A 3 -21.05 23.69 -9.96
C HIS A 3 -19.56 23.41 -10.08
N MET A 4 -18.98 22.89 -9.03
CA MET A 4 -17.53 22.59 -9.07
C MET A 4 -17.16 21.61 -7.96
N LEU A 5 -16.20 20.76 -8.24
CA LEU A 5 -15.78 19.78 -7.22
C LEU A 5 -16.92 18.82 -6.88
N GLU A 6 -17.66 18.46 -7.88
CA GLU A 6 -18.80 17.52 -7.64
C GLU A 6 -18.28 16.13 -7.29
N GLY A 7 -17.20 16.09 -6.55
CA GLY A 7 -16.62 14.77 -6.16
C GLY A 7 -16.23 14.78 -4.68
N ARG A 8 -16.49 13.69 -4.01
CA ARG A 8 -16.16 13.59 -2.56
C ARG A 8 -15.23 12.41 -2.30
N LYS A 9 -13.97 12.70 -2.13
CA LYS A 9 -13.00 11.61 -1.87
C LYS A 9 -12.95 11.26 -0.39
N LYS A 10 -13.75 11.94 0.39
CA LYS A 10 -13.74 11.65 1.84
C LYS A 10 -13.86 10.15 2.09
N ARG A 11 -14.21 9.43 1.06
CA ARG A 11 -14.36 7.96 1.18
C ARG A 11 -13.62 7.25 0.05
N VAL A 12 -13.42 5.97 0.19
CA VAL A 12 -12.69 5.23 -0.87
C VAL A 12 -11.34 5.90 -1.17
N PRO A 13 -10.35 5.57 -0.37
CA PRO A 13 -9.01 6.14 -0.53
C PRO A 13 -8.39 5.76 -1.89
N TYR A 14 -7.68 4.66 -1.93
CA TYR A 14 -7.05 4.24 -3.22
C TYR A 14 -6.50 5.43 -3.99
N THR A 15 -5.42 5.99 -3.47
CA THR A 15 -4.81 7.16 -4.14
C THR A 15 -3.49 6.78 -4.80
N LYS A 16 -2.76 7.76 -5.25
CA LYS A 16 -1.46 7.46 -5.90
C LYS A 16 -0.35 7.47 -4.85
N VAL A 17 -0.49 8.35 -3.90
CA VAL A 17 0.55 8.43 -2.85
C VAL A 17 0.47 7.21 -1.98
N GLN A 18 -0.67 6.58 -2.04
CA GLN A 18 -0.91 5.36 -1.25
C GLN A 18 -0.04 4.21 -1.76
N LEU A 19 -0.23 3.86 -3.00
CA LEU A 19 0.58 2.76 -3.56
C LEU A 19 2.01 3.19 -3.76
N LYS A 20 2.23 4.47 -3.68
CA LYS A 20 3.59 4.96 -3.86
C LYS A 20 4.36 4.79 -2.58
N GLU A 21 3.73 5.09 -1.47
CA GLU A 21 4.43 4.93 -0.18
C GLU A 21 4.52 3.47 0.21
N LEU A 22 3.67 2.68 -0.37
CA LEU A 22 3.68 1.24 -0.04
C LEU A 22 4.81 0.52 -0.79
N GLU A 23 4.84 0.70 -2.08
CA GLU A 23 5.89 0.03 -2.89
C GLU A 23 7.29 0.60 -2.66
N ARG A 24 7.36 1.81 -2.17
CA ARG A 24 8.70 2.40 -1.95
C ARG A 24 9.21 2.08 -0.56
N GLU A 25 8.41 2.36 0.42
CA GLU A 25 8.86 2.07 1.80
C GLU A 25 9.21 0.60 1.93
N TYR A 26 8.63 -0.20 1.07
CA TYR A 26 8.93 -1.64 1.13
C TYR A 26 10.20 -1.94 0.37
N ALA A 27 10.29 -1.35 -0.80
CA ALA A 27 11.50 -1.58 -1.60
C ALA A 27 12.68 -0.88 -0.96
N THR A 28 12.38 -0.04 0.00
CA THR A 28 13.47 0.69 0.69
C THR A 28 14.32 -0.28 1.47
N ASN A 29 13.68 -1.18 2.17
CA ASN A 29 14.47 -2.17 2.95
C ASN A 29 13.64 -3.41 3.27
N LYS A 30 13.00 -3.38 4.41
CA LYS A 30 12.17 -4.54 4.82
C LYS A 30 10.92 -4.02 5.48
N PHE A 31 11.12 -3.19 6.45
CA PHE A 31 9.99 -2.62 7.16
C PHE A 31 10.35 -1.26 7.66
N ILE A 32 9.37 -0.47 7.98
CA ILE A 32 9.65 0.88 8.49
C ILE A 32 9.29 1.05 9.96
N THR A 33 9.87 2.08 10.53
CA THR A 33 9.64 2.37 11.97
C THR A 33 8.23 2.88 12.23
N LYS A 34 7.82 2.80 13.47
CA LYS A 34 6.47 3.26 13.83
C LYS A 34 6.22 4.65 13.27
N ASP A 35 7.23 5.46 13.30
CA ASP A 35 7.07 6.83 12.78
C ASP A 35 6.89 6.78 11.28
N LYS A 36 7.46 5.79 10.66
CA LYS A 36 7.34 5.68 9.20
C LYS A 36 6.07 4.92 8.86
N ARG A 37 5.64 4.09 9.77
CA ARG A 37 4.41 3.31 9.54
C ARG A 37 3.21 4.20 9.70
N ARG A 38 3.38 5.16 10.54
CA ARG A 38 2.30 6.11 10.79
C ARG A 38 2.29 7.15 9.70
N ARG A 39 3.45 7.41 9.16
CA ARG A 39 3.53 8.39 8.08
C ARG A 39 2.69 7.91 6.95
N ILE A 40 2.87 6.66 6.64
CA ILE A 40 2.10 6.09 5.55
C ILE A 40 0.63 6.22 5.87
N SER A 41 0.19 5.47 6.85
CA SER A 41 -1.24 5.55 7.22
C SER A 41 -1.68 7.02 7.31
N ALA A 42 -0.78 7.86 7.78
CA ALA A 42 -1.11 9.31 7.90
C ALA A 42 -1.20 9.96 6.52
N THR A 43 -0.48 9.42 5.57
CA THR A 43 -0.52 10.00 4.21
C THR A 43 -1.62 9.32 3.46
N THR A 44 -1.68 8.04 3.63
CA THR A 44 -2.71 7.26 2.97
C THR A 44 -4.03 7.56 3.64
N ASN A 45 -3.90 8.09 4.84
CA ASN A 45 -5.09 8.47 5.65
C ASN A 45 -5.95 7.28 6.10
N LEU A 46 -5.45 6.49 7.02
CA LEU A 46 -6.29 5.34 7.48
C LEU A 46 -5.94 4.91 8.92
N SER A 47 -5.65 3.65 9.12
CA SER A 47 -5.32 3.19 10.48
C SER A 47 -3.82 3.13 10.74
N GLU A 48 -3.31 1.94 10.73
CA GLU A 48 -1.88 1.73 10.96
C GLU A 48 -1.66 0.24 10.92
N ARG A 49 -2.30 -0.45 11.84
CA ARG A 49 -2.15 -1.90 11.85
C ARG A 49 -2.41 -2.35 10.45
N GLN A 50 -3.12 -1.49 9.74
CA GLN A 50 -3.45 -1.78 8.34
C GLN A 50 -2.20 -1.66 7.50
N VAL A 51 -1.41 -0.62 7.77
CA VAL A 51 -0.17 -0.47 6.99
C VAL A 51 0.58 -1.72 7.14
N THR A 52 0.68 -2.11 8.36
CA THR A 52 1.38 -3.32 8.68
C THR A 52 0.91 -4.42 7.75
N ILE A 53 -0.39 -4.53 7.71
CA ILE A 53 -1.03 -5.54 6.85
C ILE A 53 -0.85 -5.16 5.39
N TRP A 54 -0.73 -3.89 5.16
CA TRP A 54 -0.55 -3.40 3.79
C TRP A 54 0.75 -3.91 3.28
N PHE A 55 1.73 -3.88 4.13
CA PHE A 55 3.04 -4.37 3.71
C PHE A 55 3.01 -5.86 3.42
N GLN A 56 2.45 -6.60 4.32
CA GLN A 56 2.38 -8.07 4.11
C GLN A 56 1.53 -8.39 2.90
N ASN A 57 0.65 -7.50 2.56
CA ASN A 57 -0.22 -7.75 1.39
C ASN A 57 0.55 -7.38 0.16
N ARG A 58 1.29 -6.33 0.29
CA ARG A 58 2.09 -5.88 -0.84
C ARG A 58 3.11 -6.95 -1.17
N ARG A 59 3.37 -7.80 -0.20
CA ARG A 59 4.35 -8.88 -0.43
C ARG A 59 3.62 -10.07 -0.97
N VAL A 60 2.40 -10.18 -0.57
CA VAL A 60 1.58 -11.30 -1.02
C VAL A 60 1.18 -11.07 -2.47
N LYS A 61 1.27 -9.83 -2.88
CA LYS A 61 0.92 -9.48 -4.27
C LYS A 61 2.14 -9.57 -5.19
N GLU A 62 3.29 -9.30 -4.63
CA GLU A 62 4.52 -9.37 -5.46
C GLU A 62 4.89 -10.81 -5.76
N LYS A 63 4.50 -11.68 -4.89
CA LYS A 63 4.81 -13.11 -5.10
C LYS A 63 3.75 -13.78 -5.95
N LYS A 64 2.56 -13.23 -5.93
CA LYS A 64 1.49 -13.83 -6.73
C LYS A 64 1.84 -13.77 -8.21
N VAL A 65 3.06 -13.35 -8.49
CA VAL A 65 3.49 -13.27 -9.91
C VAL A 65 4.33 -14.49 -10.30
N ILE A 66 5.54 -14.53 -9.80
CA ILE A 66 6.42 -15.67 -10.14
C ILE A 66 5.80 -16.98 -9.67
N ASN A 67 5.26 -16.98 -8.48
CA ASN A 67 4.64 -18.22 -7.96
C ASN A 67 3.67 -18.81 -8.98
N LYS A 68 3.03 -17.96 -9.72
CA LYS A 68 2.08 -18.45 -10.74
C LYS A 68 2.82 -19.07 -11.93
N LEU A 69 2.83 -20.37 -11.98
CA LEU A 69 3.53 -21.04 -13.11
C LEU A 69 2.85 -22.36 -13.47
N LYS A 70 1.57 -22.43 -13.21
CA LYS A 70 0.83 -23.68 -13.55
C LYS A 70 0.55 -23.76 -15.04
N THR A 71 -0.50 -23.11 -15.46
CA THR A 71 -0.84 -23.14 -16.90
C THR A 71 0.19 -22.37 -17.71
N THR A 72 0.84 -23.07 -18.61
CA THR A 72 1.87 -22.39 -19.44
C THR A 72 1.23 -21.70 -20.65
N SER A 73 -0.07 -21.64 -20.64
CA SER A 73 -0.78 -20.98 -21.78
C SER A 73 -2.03 -20.27 -21.30
N MET A 1 -12.87 34.39 3.32
CA MET A 1 -11.42 34.09 3.51
C MET A 1 -10.98 34.47 4.91
N SER A 2 -11.17 33.59 5.85
CA SER A 2 -10.77 33.89 7.24
C SER A 2 -9.26 34.11 7.32
N HIS A 3 -8.53 33.01 7.34
CA HIS A 3 -7.05 33.10 7.42
C HIS A 3 -6.43 32.45 6.19
N MET A 4 -5.15 32.65 6.01
CA MET A 4 -4.49 32.04 4.83
C MET A 4 -4.83 30.55 4.74
N LEU A 5 -5.68 30.22 3.81
CA LEU A 5 -6.07 28.79 3.65
C LEU A 5 -5.02 28.01 2.87
N GLU A 6 -3.91 28.66 2.59
CA GLU A 6 -2.85 27.97 1.83
C GLU A 6 -2.65 26.53 2.33
N GLY A 7 -2.27 25.66 1.44
CA GLY A 7 -2.05 24.25 1.86
C GLY A 7 -2.39 23.30 0.71
N ARG A 8 -2.79 23.86 -0.41
CA ARG A 8 -3.14 23.00 -1.56
C ARG A 8 -4.04 21.85 -1.13
N LYS A 9 -4.95 22.13 -0.24
CA LYS A 9 -5.87 21.05 0.23
C LYS A 9 -6.81 20.62 -0.88
N LYS A 10 -7.95 20.10 -0.50
CA LYS A 10 -8.92 19.64 -1.52
C LYS A 10 -8.32 18.54 -2.38
N ARG A 11 -7.28 17.93 -1.87
CA ARG A 11 -6.63 16.84 -2.64
C ARG A 11 -7.15 15.48 -2.19
N VAL A 12 -7.42 15.38 -0.90
CA VAL A 12 -7.95 14.11 -0.30
C VAL A 12 -7.01 12.89 -0.55
N PRO A 13 -7.02 11.94 0.39
CA PRO A 13 -6.19 10.73 0.27
C PRO A 13 -6.60 9.86 -0.91
N TYR A 14 -6.44 8.57 -0.76
CA TYR A 14 -6.81 7.64 -1.84
C TYR A 14 -6.18 8.07 -3.16
N THR A 15 -4.87 8.05 -3.19
CA THR A 15 -4.16 8.46 -4.43
C THR A 15 -2.90 7.62 -4.65
N LYS A 16 -2.02 8.12 -5.46
CA LYS A 16 -0.76 7.38 -5.72
C LYS A 16 0.15 7.45 -4.51
N VAL A 17 0.14 8.57 -3.84
CA VAL A 17 1.01 8.70 -2.65
C VAL A 17 0.78 7.50 -1.79
N GLN A 18 -0.32 6.87 -2.06
CA GLN A 18 -0.69 5.67 -1.31
C GLN A 18 0.11 4.48 -1.79
N LEU A 19 -0.13 4.09 -3.01
CA LEU A 19 0.61 2.92 -3.55
C LEU A 19 2.05 3.30 -3.82
N LYS A 20 2.32 4.58 -3.76
CA LYS A 20 3.69 5.03 -4.01
C LYS A 20 4.52 4.86 -2.75
N GLU A 21 3.93 5.13 -1.62
CA GLU A 21 4.69 4.98 -0.37
C GLU A 21 4.75 3.52 0.04
N LEU A 22 3.83 2.76 -0.47
CA LEU A 22 3.81 1.32 -0.11
C LEU A 22 4.92 0.56 -0.84
N GLU A 23 4.88 0.62 -2.14
CA GLU A 23 5.90 -0.09 -2.96
C GLU A 23 7.31 0.50 -2.81
N ARG A 24 7.40 1.75 -2.46
CA ARG A 24 8.77 2.34 -2.33
C ARG A 24 9.32 2.11 -0.94
N GLU A 25 8.56 2.45 0.06
CA GLU A 25 9.06 2.23 1.43
C GLU A 25 9.39 0.76 1.64
N TYR A 26 8.83 -0.08 0.80
CA TYR A 26 9.10 -1.52 0.94
C TYR A 26 10.32 -1.90 0.12
N ALA A 27 10.42 -1.34 -1.06
CA ALA A 27 11.58 -1.67 -1.92
C ALA A 27 12.77 -0.79 -1.52
N THR A 28 12.52 0.16 -0.68
CA THR A 28 13.61 1.05 -0.23
C THR A 28 14.54 0.31 0.69
N ASN A 29 13.97 -0.45 1.59
CA ASN A 29 14.81 -1.21 2.53
C ASN A 29 14.17 -2.55 2.88
N LYS A 30 13.03 -2.50 3.49
CA LYS A 30 12.33 -3.75 3.86
C LYS A 30 11.03 -3.39 4.55
N PHE A 31 11.16 -2.59 5.56
CA PHE A 31 10.00 -2.16 6.31
C PHE A 31 10.29 -0.80 6.89
N ILE A 32 9.26 -0.09 7.23
CA ILE A 32 9.46 1.26 7.80
C ILE A 32 9.27 1.26 9.31
N THR A 33 9.80 2.27 9.92
CA THR A 33 9.68 2.39 11.39
C THR A 33 8.29 2.81 11.81
N LYS A 34 7.95 2.49 13.02
CA LYS A 34 6.60 2.86 13.51
C LYS A 34 6.28 4.30 13.14
N ASP A 35 7.29 5.13 13.19
CA ASP A 35 7.06 6.54 12.85
C ASP A 35 6.74 6.68 11.36
N LYS A 36 7.29 5.79 10.57
CA LYS A 36 7.02 5.85 9.12
C LYS A 36 5.75 5.09 8.75
N ARG A 37 5.61 3.87 9.23
CA ARG A 37 4.39 3.13 8.88
C ARG A 37 3.20 3.90 9.35
N ARG A 38 3.45 4.77 10.30
CA ARG A 38 2.36 5.58 10.84
C ARG A 38 2.20 6.81 9.98
N ARG A 39 3.30 7.31 9.45
CA ARG A 39 3.21 8.50 8.59
C ARG A 39 2.49 8.09 7.34
N ILE A 40 2.79 6.89 6.90
CA ILE A 40 2.14 6.39 5.68
C ILE A 40 0.65 6.39 5.93
N SER A 41 0.20 5.50 6.78
CA SER A 41 -1.25 5.46 7.07
C SER A 41 -1.80 6.88 7.27
N ALA A 42 -1.05 7.69 7.99
CA ALA A 42 -1.51 9.08 8.24
C ALA A 42 -1.56 9.84 6.94
N THR A 43 -0.82 9.35 6.00
CA THR A 43 -0.78 10.00 4.68
C THR A 43 -1.83 9.35 3.82
N THR A 44 -1.85 8.05 3.89
CA THR A 44 -2.83 7.30 3.10
C THR A 44 -4.21 7.59 3.68
N ASN A 45 -4.21 7.91 4.95
CA ASN A 45 -5.47 8.22 5.68
C ASN A 45 -6.40 7.02 5.87
N LEU A 46 -5.96 6.03 6.63
CA LEU A 46 -6.87 4.83 6.84
C LEU A 46 -6.77 4.32 8.27
N SER A 47 -5.77 3.53 8.55
CA SER A 47 -5.62 3.00 9.92
C SER A 47 -4.17 2.99 10.33
N GLU A 48 -3.72 1.83 10.71
CA GLU A 48 -2.33 1.67 11.15
C GLU A 48 -1.99 0.21 11.01
N ARG A 49 -2.69 -0.59 11.75
CA ARG A 49 -2.43 -2.03 11.70
C ARG A 49 -2.68 -2.49 10.28
N GLN A 50 -3.56 -1.77 9.61
CA GLN A 50 -3.85 -2.13 8.22
C GLN A 50 -2.64 -1.87 7.36
N VAL A 51 -1.92 -0.80 7.67
CA VAL A 51 -0.73 -0.50 6.87
C VAL A 51 0.21 -1.63 7.05
N THR A 52 0.48 -1.88 8.29
CA THR A 52 1.39 -2.97 8.63
C THR A 52 1.01 -4.16 7.79
N ILE A 53 -0.27 -4.35 7.66
CA ILE A 53 -0.79 -5.47 6.87
C ILE A 53 -0.69 -5.12 5.40
N TRP A 54 -0.85 -3.86 5.11
CA TRP A 54 -0.77 -3.40 3.73
C TRP A 54 0.55 -3.83 3.22
N PHE A 55 1.52 -3.77 4.09
CA PHE A 55 2.86 -4.17 3.68
C PHE A 55 2.93 -5.67 3.52
N GLN A 56 2.36 -6.38 4.46
CA GLN A 56 2.39 -7.86 4.37
C GLN A 56 1.56 -8.31 3.17
N ASN A 57 0.64 -7.47 2.78
CA ASN A 57 -0.21 -7.82 1.63
C ASN A 57 0.57 -7.51 0.39
N ARG A 58 1.34 -6.48 0.49
CA ARG A 58 2.15 -6.09 -0.64
C ARG A 58 3.21 -7.15 -0.86
N ARG A 59 3.45 -7.91 0.19
CA ARG A 59 4.46 -8.99 0.10
C ARG A 59 3.77 -10.19 -0.46
N VAL A 60 2.50 -10.24 -0.19
CA VAL A 60 1.69 -11.35 -0.66
C VAL A 60 1.28 -11.06 -2.09
N LYS A 61 1.30 -9.79 -2.42
CA LYS A 61 0.92 -9.39 -3.79
C LYS A 61 2.07 -9.64 -4.74
N GLU A 62 3.27 -9.54 -4.23
CA GLU A 62 4.44 -9.78 -5.07
C GLU A 62 4.40 -11.21 -5.53
N LYS A 63 3.79 -12.03 -4.73
CA LYS A 63 3.68 -13.46 -5.05
C LYS A 63 2.45 -13.72 -5.90
N LYS A 64 1.51 -12.82 -5.85
CA LYS A 64 0.30 -13.02 -6.66
C LYS A 64 0.69 -12.96 -8.10
N VAL A 65 1.95 -12.68 -8.33
CA VAL A 65 2.45 -12.59 -9.71
C VAL A 65 2.10 -13.86 -10.46
N ILE A 66 1.83 -14.89 -9.71
CA ILE A 66 1.48 -16.17 -10.33
C ILE A 66 0.35 -15.97 -11.34
N ASN A 67 -0.30 -14.84 -11.26
CA ASN A 67 -1.41 -14.55 -12.19
C ASN A 67 -0.93 -13.68 -13.34
N LYS A 68 0.29 -13.20 -13.23
CA LYS A 68 0.84 -12.34 -14.30
C LYS A 68 1.32 -13.19 -15.48
N LEU A 69 1.81 -14.37 -15.17
CA LEU A 69 2.30 -15.28 -16.24
C LEU A 69 1.64 -16.65 -16.13
N LYS A 70 2.37 -17.60 -15.61
CA LYS A 70 1.78 -18.95 -15.46
C LYS A 70 0.36 -18.87 -14.93
N THR A 71 -0.59 -18.86 -15.83
CA THR A 71 -2.02 -18.77 -15.40
C THR A 71 -2.89 -19.71 -16.23
N THR A 72 -3.79 -20.38 -15.56
CA THR A 72 -4.70 -21.34 -16.26
C THR A 72 -6.11 -20.76 -16.37
N SER A 73 -6.30 -19.87 -17.32
CA SER A 73 -7.65 -19.26 -17.48
C SER A 73 -8.12 -18.61 -16.19
N MET A 1 -5.91 37.31 -10.65
CA MET A 1 -7.01 36.50 -11.24
C MET A 1 -8.04 36.18 -10.15
N SER A 2 -9.26 36.57 -10.39
CA SER A 2 -10.31 36.29 -9.38
C SER A 2 -10.59 34.79 -9.30
N HIS A 3 -10.94 34.33 -8.12
CA HIS A 3 -11.23 32.89 -7.96
C HIS A 3 -12.70 32.60 -8.21
N MET A 4 -13.02 31.34 -8.33
CA MET A 4 -14.44 30.98 -8.58
C MET A 4 -14.78 29.64 -7.95
N LEU A 5 -13.76 28.92 -7.55
CA LEU A 5 -14.00 27.59 -6.92
C LEU A 5 -14.50 27.76 -5.50
N GLU A 6 -14.49 26.68 -4.75
CA GLU A 6 -14.97 26.74 -3.34
C GLU A 6 -13.85 26.36 -2.38
N GLY A 7 -13.66 25.08 -2.19
CA GLY A 7 -12.59 24.61 -1.25
C GLY A 7 -11.49 23.87 -2.02
N ARG A 8 -10.42 23.56 -1.35
CA ARG A 8 -9.32 22.83 -2.03
C ARG A 8 -9.46 21.33 -1.84
N LYS A 9 -10.66 20.84 -2.03
CA LYS A 9 -10.88 19.38 -1.87
C LYS A 9 -10.23 18.60 -3.00
N LYS A 10 -9.98 17.33 -2.77
CA LYS A 10 -9.35 16.48 -3.81
C LYS A 10 -10.17 15.23 -4.06
N ARG A 11 -9.76 14.47 -5.05
CA ARG A 11 -10.51 13.23 -5.36
C ARG A 11 -10.43 12.25 -4.20
N VAL A 12 -11.18 11.19 -4.32
CA VAL A 12 -11.18 10.18 -3.24
C VAL A 12 -9.78 9.57 -3.08
N PRO A 13 -9.49 9.06 -1.90
CA PRO A 13 -8.20 8.44 -1.63
C PRO A 13 -7.94 7.26 -2.55
N TYR A 14 -7.05 6.39 -2.14
CA TYR A 14 -6.75 5.22 -2.99
C TYR A 14 -6.17 5.66 -4.33
N THR A 15 -5.18 6.51 -4.26
CA THR A 15 -4.54 7.01 -5.51
C THR A 15 -3.12 6.49 -5.64
N LYS A 16 -2.23 7.34 -6.06
CA LYS A 16 -0.82 6.92 -6.22
C LYS A 16 -0.04 7.15 -4.94
N VAL A 17 -0.29 8.27 -4.30
CA VAL A 17 0.45 8.55 -3.05
C VAL A 17 0.31 7.39 -2.11
N GLN A 18 -0.73 6.64 -2.35
CA GLN A 18 -0.98 5.48 -1.51
C GLN A 18 -0.06 4.33 -1.89
N LEU A 19 -0.22 3.85 -3.09
CA LEU A 19 0.64 2.73 -3.54
C LEU A 19 2.04 3.23 -3.83
N LYS A 20 2.18 4.52 -3.89
CA LYS A 20 3.51 5.07 -4.15
C LYS A 20 4.32 5.04 -2.88
N GLU A 21 3.67 5.34 -1.77
CA GLU A 21 4.40 5.34 -0.48
C GLU A 21 4.61 3.90 -0.01
N LEU A 22 3.77 3.03 -0.45
CA LEU A 22 3.89 1.61 -0.05
C LEU A 22 4.99 0.93 -0.86
N GLU A 23 5.10 1.32 -2.08
CA GLU A 23 6.12 0.72 -2.98
C GLU A 23 7.53 1.22 -2.65
N ARG A 24 7.63 2.44 -2.27
CA ARG A 24 8.98 2.98 -1.92
C ARG A 24 9.41 2.47 -0.58
N GLU A 25 8.53 2.54 0.37
CA GLU A 25 8.91 2.05 1.71
C GLU A 25 9.44 0.65 1.57
N TYR A 26 8.90 -0.04 0.61
CA TYR A 26 9.36 -1.44 0.40
C TYR A 26 10.60 -1.47 -0.47
N ALA A 27 10.62 -0.64 -1.46
CA ALA A 27 11.79 -0.61 -2.37
C ALA A 27 12.90 0.27 -1.79
N THR A 28 12.59 0.99 -0.74
CA THR A 28 13.61 1.86 -0.14
C THR A 28 14.53 1.07 0.77
N ASN A 29 14.00 0.08 1.43
CA ASN A 29 14.84 -0.74 2.33
C ASN A 29 14.21 -2.10 2.61
N LYS A 30 13.20 -2.09 3.41
CA LYS A 30 12.52 -3.37 3.76
C LYS A 30 11.24 -3.06 4.51
N PHE A 31 11.39 -2.40 5.62
CA PHE A 31 10.21 -2.06 6.43
C PHE A 31 10.47 -0.78 7.20
N ILE A 32 9.42 -0.14 7.64
CA ILE A 32 9.59 1.13 8.39
C ILE A 32 9.16 1.00 9.85
N THR A 33 9.62 1.91 10.65
CA THR A 33 9.28 1.89 12.10
C THR A 33 7.82 2.28 12.35
N LYS A 34 7.34 1.92 13.52
CA LYS A 34 5.94 2.25 13.86
C LYS A 34 5.63 3.70 13.57
N ASP A 35 6.58 4.55 13.79
CA ASP A 35 6.34 5.97 13.51
C ASP A 35 6.37 6.23 12.02
N LYS A 36 7.17 5.45 11.33
CA LYS A 36 7.27 5.63 9.87
C LYS A 36 6.13 4.92 9.16
N ARG A 37 5.73 3.78 9.66
CA ARG A 37 4.62 3.07 8.99
C ARG A 37 3.32 3.80 9.27
N ARG A 38 3.33 4.55 10.36
CA ARG A 38 2.13 5.30 10.72
C ARG A 38 2.11 6.55 9.88
N ARG A 39 3.29 6.98 9.52
CA ARG A 39 3.39 8.18 8.69
C ARG A 39 2.64 7.90 7.44
N ILE A 40 2.90 6.74 6.90
CA ILE A 40 2.21 6.37 5.68
C ILE A 40 0.74 6.49 5.92
N SER A 41 0.20 5.60 6.72
CA SER A 41 -1.25 5.66 7.01
C SER A 41 -1.70 7.10 7.24
N ALA A 42 -0.85 7.88 7.89
CA ALA A 42 -1.21 9.29 8.16
C ALA A 42 -1.09 10.12 6.90
N THR A 43 -0.32 9.65 5.97
CA THR A 43 -0.15 10.39 4.71
C THR A 43 -1.18 9.89 3.75
N THR A 44 -1.47 8.64 3.89
CA THR A 44 -2.47 8.01 3.04
C THR A 44 -3.84 8.16 3.68
N ASN A 45 -3.81 8.44 4.97
CA ASN A 45 -5.07 8.63 5.76
C ASN A 45 -5.90 7.36 5.96
N LEU A 46 -5.47 6.48 6.86
CA LEU A 46 -6.27 5.22 7.07
C LEU A 46 -6.16 4.72 8.52
N SER A 47 -5.32 3.73 8.74
CA SER A 47 -5.16 3.20 10.11
C SER A 47 -3.70 3.12 10.49
N GLU A 48 -3.26 1.94 10.73
CA GLU A 48 -1.85 1.73 11.11
C GLU A 48 -1.54 0.28 10.89
N ARG A 49 -2.20 -0.55 11.66
CA ARG A 49 -1.98 -1.98 11.51
C ARG A 49 -2.27 -2.34 10.09
N GLN A 50 -3.11 -1.50 9.48
CA GLN A 50 -3.48 -1.73 8.08
C GLN A 50 -2.25 -1.58 7.20
N VAL A 51 -1.46 -0.57 7.50
CA VAL A 51 -0.24 -0.37 6.69
C VAL A 51 0.63 -1.56 6.87
N THR A 52 0.83 -1.87 8.10
CA THR A 52 1.64 -3.00 8.43
C THR A 52 1.16 -4.17 7.62
N ILE A 53 -0.14 -4.27 7.55
CA ILE A 53 -0.75 -5.36 6.78
C ILE A 53 -0.61 -5.05 5.31
N TRP A 54 -0.66 -3.79 5.00
CA TRP A 54 -0.53 -3.40 3.60
C TRP A 54 0.77 -3.93 3.11
N PHE A 55 1.77 -3.77 3.92
CA PHE A 55 3.07 -4.28 3.52
C PHE A 55 3.00 -5.80 3.37
N GLN A 56 2.29 -6.41 4.26
CA GLN A 56 2.17 -7.88 4.20
C GLN A 56 1.26 -8.27 3.06
N ASN A 57 0.35 -7.40 2.73
CA ASN A 57 -0.57 -7.70 1.63
C ASN A 57 0.21 -7.52 0.37
N ARG A 58 1.27 -6.80 0.53
CA ARG A 58 2.14 -6.53 -0.60
C ARG A 58 3.09 -7.70 -0.71
N ARG A 59 3.22 -8.42 0.38
CA ARG A 59 4.11 -9.59 0.39
C ARG A 59 3.31 -10.78 -0.06
N VAL A 60 2.03 -10.61 0.01
CA VAL A 60 1.11 -11.67 -0.39
C VAL A 60 0.80 -11.51 -1.87
N LYS A 61 0.94 -10.28 -2.33
CA LYS A 61 0.67 -9.99 -3.74
C LYS A 61 1.89 -10.38 -4.58
N GLU A 62 3.04 -10.25 -3.99
CA GLU A 62 4.28 -10.60 -4.71
C GLU A 62 4.21 -12.05 -5.14
N LYS A 63 3.46 -12.80 -4.40
CA LYS A 63 3.32 -14.23 -4.73
C LYS A 63 2.58 -14.40 -6.03
N LYS A 64 1.57 -13.60 -6.22
CA LYS A 64 0.79 -13.70 -7.47
C LYS A 64 1.65 -13.27 -8.65
N VAL A 65 2.92 -13.05 -8.38
CA VAL A 65 3.83 -12.61 -9.48
C VAL A 65 4.64 -13.79 -9.99
N ILE A 66 3.97 -14.79 -10.49
CA ILE A 66 4.66 -15.99 -11.02
C ILE A 66 4.12 -16.34 -12.40
N ASN A 67 2.88 -16.01 -12.61
CA ASN A 67 2.25 -16.31 -13.93
C ASN A 67 2.73 -15.33 -14.99
N LYS A 68 3.67 -14.49 -14.64
CA LYS A 68 4.19 -13.50 -15.61
C LYS A 68 5.67 -13.24 -15.36
N LEU A 69 6.42 -14.29 -15.22
CA LEU A 69 7.89 -14.14 -14.96
C LEU A 69 8.68 -14.41 -16.24
N LYS A 70 9.89 -14.89 -16.08
CA LYS A 70 10.73 -15.19 -17.27
C LYS A 70 10.08 -16.25 -18.14
N THR A 71 8.95 -16.74 -17.71
CA THR A 71 8.25 -17.78 -18.51
C THR A 71 7.26 -17.16 -19.48
N THR A 72 7.24 -15.85 -19.52
CA THR A 72 6.30 -15.16 -20.44
C THR A 72 4.93 -15.83 -20.42
N SER A 73 4.59 -16.44 -21.53
CA SER A 73 3.28 -17.12 -21.60
C SER A 73 2.14 -16.13 -21.42
N MET A 1 -21.61 -5.20 -12.20
CA MET A 1 -22.34 -6.12 -11.29
C MET A 1 -23.85 -5.84 -11.38
N SER A 2 -24.31 -5.58 -12.56
CA SER A 2 -25.77 -5.30 -12.74
C SER A 2 -26.26 -4.32 -11.67
N HIS A 3 -25.35 -3.52 -11.17
CA HIS A 3 -25.74 -2.54 -10.12
C HIS A 3 -25.67 -1.11 -10.67
N MET A 4 -25.82 -0.15 -9.79
CA MET A 4 -25.77 1.27 -10.24
C MET A 4 -25.97 2.21 -9.06
N LEU A 5 -27.07 2.92 -9.05
CA LEU A 5 -27.33 3.87 -7.93
C LEU A 5 -26.06 4.63 -7.57
N GLU A 6 -25.72 4.60 -6.32
CA GLU A 6 -24.50 5.33 -5.88
C GLU A 6 -24.17 5.01 -4.43
N GLY A 7 -22.94 4.65 -4.18
CA GLY A 7 -22.55 4.32 -2.79
C GLY A 7 -21.12 3.79 -2.75
N ARG A 8 -20.85 2.77 -3.52
CA ARG A 8 -19.48 2.21 -3.53
C ARG A 8 -19.12 1.60 -4.88
N LYS A 9 -17.86 1.41 -5.11
CA LYS A 9 -17.40 0.82 -6.39
C LYS A 9 -15.91 0.52 -6.34
N LYS A 10 -15.19 1.36 -5.65
CA LYS A 10 -13.71 1.17 -5.53
C LYS A 10 -13.13 2.20 -4.56
N ARG A 11 -13.50 2.09 -3.31
CA ARG A 11 -12.97 3.06 -2.31
C ARG A 11 -11.77 2.48 -1.56
N VAL A 12 -10.96 1.72 -2.25
CA VAL A 12 -9.77 1.14 -1.57
C VAL A 12 -8.54 2.03 -1.72
N PRO A 13 -8.41 2.67 -2.88
CA PRO A 13 -7.28 3.55 -3.13
C PRO A 13 -7.47 4.92 -2.48
N TYR A 14 -6.79 5.90 -3.01
CA TYR A 14 -6.89 7.27 -2.46
C TYR A 14 -6.07 8.23 -3.31
N THR A 15 -4.79 8.01 -3.33
CA THR A 15 -3.92 8.89 -4.13
C THR A 15 -2.71 8.12 -4.63
N LYS A 16 -1.74 8.84 -5.14
CA LYS A 16 -0.54 8.15 -5.65
C LYS A 16 0.48 8.04 -4.54
N VAL A 17 0.54 9.06 -3.72
CA VAL A 17 1.50 9.03 -2.61
C VAL A 17 1.21 7.84 -1.76
N GLN A 18 0.01 7.35 -1.91
CA GLN A 18 -0.42 6.18 -1.14
C GLN A 18 0.25 4.92 -1.67
N LEU A 19 -0.08 4.57 -2.88
CA LEU A 19 0.53 3.35 -3.47
C LEU A 19 2.01 3.55 -3.67
N LYS A 20 2.43 4.78 -3.59
CA LYS A 20 3.86 5.08 -3.77
C LYS A 20 4.61 4.80 -2.48
N GLU A 21 4.06 5.27 -1.38
CA GLU A 21 4.75 5.04 -0.10
C GLU A 21 4.76 3.56 0.25
N LEU A 22 3.84 2.83 -0.30
CA LEU A 22 3.79 1.38 -0.02
C LEU A 22 4.87 0.64 -0.81
N GLU A 23 4.85 0.82 -2.11
CA GLU A 23 5.86 0.14 -2.97
C GLU A 23 7.26 0.72 -2.83
N ARG A 24 7.37 1.95 -2.39
CA ARG A 24 8.73 2.54 -2.24
C ARG A 24 9.31 2.26 -0.87
N GLU A 25 8.55 2.53 0.15
CA GLU A 25 9.06 2.27 1.50
C GLU A 25 9.28 0.78 1.72
N TYR A 26 8.62 -0.02 0.92
CA TYR A 26 8.80 -1.48 1.08
C TYR A 26 9.94 -1.97 0.20
N ALA A 27 9.97 -1.48 -1.00
CA ALA A 27 11.06 -1.90 -1.92
C ALA A 27 12.36 -1.19 -1.57
N THR A 28 12.26 -0.21 -0.70
CA THR A 28 13.49 0.53 -0.33
C THR A 28 14.33 -0.30 0.62
N ASN A 29 13.68 -0.95 1.54
CA ASN A 29 14.43 -1.79 2.51
C ASN A 29 13.66 -3.05 2.85
N LYS A 30 12.74 -2.93 3.76
CA LYS A 30 11.94 -4.11 4.17
C LYS A 30 10.73 -3.63 4.93
N PHE A 31 10.98 -2.78 5.87
CA PHE A 31 9.89 -2.25 6.67
C PHE A 31 10.25 -0.88 7.14
N ILE A 32 9.25 -0.13 7.54
CA ILE A 32 9.50 1.23 8.02
C ILE A 32 9.30 1.36 9.52
N THR A 33 9.84 2.41 10.06
CA THR A 33 9.73 2.65 11.52
C THR A 33 8.33 3.03 11.92
N LYS A 34 8.05 2.88 13.19
CA LYS A 34 6.71 3.22 13.71
C LYS A 34 6.27 4.58 13.21
N ASP A 35 7.19 5.49 13.14
CA ASP A 35 6.81 6.84 12.65
C ASP A 35 6.66 6.83 11.14
N LYS A 36 7.44 6.01 10.50
CA LYS A 36 7.35 5.95 9.03
C LYS A 36 6.09 5.19 8.61
N ARG A 37 5.81 4.10 9.28
CA ARG A 37 4.60 3.35 8.88
C ARG A 37 3.40 4.19 9.21
N ARG A 38 3.57 5.06 10.19
CA ARG A 38 2.46 5.92 10.58
C ARG A 38 2.28 7.02 9.54
N ARG A 39 3.36 7.37 8.88
CA ARG A 39 3.24 8.43 7.87
C ARG A 39 2.35 7.89 6.79
N ILE A 40 2.57 6.65 6.46
CA ILE A 40 1.75 6.03 5.42
C ILE A 40 0.32 6.08 5.88
N SER A 41 0.02 5.30 6.89
CA SER A 41 -1.36 5.30 7.40
C SER A 41 -1.88 6.72 7.55
N ALA A 42 -1.02 7.61 7.95
CA ALA A 42 -1.44 9.01 8.12
C ALA A 42 -1.61 9.66 6.77
N THR A 43 -0.99 9.06 5.80
CA THR A 43 -1.07 9.59 4.44
C THR A 43 -2.20 8.92 3.71
N THR A 44 -2.39 7.65 3.98
CA THR A 44 -3.49 6.94 3.31
C THR A 44 -4.82 7.17 4.05
N ASN A 45 -4.73 7.63 5.28
CA ASN A 45 -5.97 7.91 6.10
C ASN A 45 -6.63 6.71 6.81
N LEU A 46 -5.86 5.83 7.41
CA LEU A 46 -6.53 4.66 8.13
C LEU A 46 -5.86 4.40 9.48
N SER A 47 -5.90 3.18 9.94
CA SER A 47 -5.28 2.89 11.24
C SER A 47 -3.79 2.85 11.11
N GLU A 48 -3.29 1.69 11.22
CA GLU A 48 -1.86 1.49 11.11
C GLU A 48 -1.63 0.04 10.87
N ARG A 49 -2.18 -0.78 11.75
CA ARG A 49 -2.01 -2.20 11.56
C ARG A 49 -2.43 -2.47 10.14
N GLN A 50 -3.28 -1.57 9.63
CA GLN A 50 -3.76 -1.71 8.26
C GLN A 50 -2.56 -1.62 7.37
N VAL A 51 -1.72 -0.64 7.63
CA VAL A 51 -0.53 -0.50 6.81
C VAL A 51 0.32 -1.73 7.03
N THR A 52 0.50 -2.05 8.28
CA THR A 52 1.29 -3.24 8.61
C THR A 52 0.76 -4.38 7.79
N ILE A 53 -0.54 -4.40 7.69
CA ILE A 53 -1.22 -5.45 6.93
C ILE A 53 -1.03 -5.17 5.45
N TRP A 54 -0.84 -3.92 5.15
CA TRP A 54 -0.63 -3.52 3.75
C TRP A 54 0.71 -4.04 3.32
N PHE A 55 1.67 -3.86 4.18
CA PHE A 55 3.02 -4.34 3.83
C PHE A 55 3.01 -5.86 3.60
N GLN A 56 2.43 -6.58 4.52
CA GLN A 56 2.38 -8.05 4.36
C GLN A 56 1.64 -8.44 3.09
N ASN A 57 0.60 -7.71 2.78
CA ASN A 57 -0.16 -8.04 1.57
C ASN A 57 0.71 -7.77 0.38
N ARG A 58 1.35 -6.65 0.43
CA ARG A 58 2.24 -6.30 -0.67
C ARG A 58 3.26 -7.40 -0.84
N ARG A 59 3.47 -8.15 0.22
CA ARG A 59 4.46 -9.24 0.12
C ARG A 59 3.76 -10.49 -0.36
N VAL A 60 2.46 -10.45 -0.25
CA VAL A 60 1.67 -11.60 -0.69
C VAL A 60 1.28 -11.44 -2.16
N LYS A 61 1.22 -10.21 -2.60
CA LYS A 61 0.86 -9.95 -4.02
C LYS A 61 2.12 -9.87 -4.88
N GLU A 62 3.24 -9.59 -4.26
CA GLU A 62 4.50 -9.50 -5.01
C GLU A 62 4.95 -10.86 -5.50
N LYS A 63 4.60 -11.88 -4.75
CA LYS A 63 5.01 -13.24 -5.16
C LYS A 63 4.08 -13.79 -6.24
N LYS A 64 2.92 -13.18 -6.35
CA LYS A 64 1.96 -13.66 -7.37
C LYS A 64 2.47 -13.35 -8.78
N VAL A 65 3.77 -13.24 -8.90
CA VAL A 65 4.34 -12.93 -10.25
C VAL A 65 5.66 -13.67 -10.45
N ILE A 66 6.54 -13.55 -9.49
CA ILE A 66 7.86 -14.24 -9.62
C ILE A 66 7.68 -15.75 -9.57
N ASN A 67 6.94 -16.27 -10.52
CA ASN A 67 6.72 -17.73 -10.55
C ASN A 67 6.61 -18.24 -11.98
N LYS A 68 6.48 -17.32 -12.91
CA LYS A 68 6.37 -17.73 -14.32
C LYS A 68 7.65 -18.45 -14.78
N LEU A 69 8.63 -18.49 -13.91
CA LEU A 69 9.91 -19.16 -14.25
C LEU A 69 10.37 -20.05 -13.09
N LYS A 70 9.67 -21.14 -12.90
CA LYS A 70 10.05 -22.06 -11.79
C LYS A 70 11.50 -22.49 -11.92
N THR A 71 12.38 -21.73 -11.33
CA THR A 71 13.82 -22.09 -11.40
C THR A 71 14.64 -21.22 -10.47
N THR A 72 15.55 -21.83 -9.75
CA THR A 72 16.40 -21.06 -8.81
C THR A 72 15.58 -20.01 -8.08
N SER A 73 14.37 -20.36 -7.75
CA SER A 73 13.50 -19.40 -7.03
C SER A 73 13.98 -19.21 -5.59
N MET A 1 -28.78 11.95 23.38
CA MET A 1 -29.00 10.94 22.31
C MET A 1 -28.64 11.54 20.94
N SER A 2 -27.38 11.75 20.73
CA SER A 2 -26.95 12.33 19.42
C SER A 2 -25.57 11.82 19.03
N HIS A 3 -25.42 11.46 17.79
CA HIS A 3 -24.11 10.95 17.33
C HIS A 3 -23.05 12.04 17.42
N MET A 4 -22.69 12.59 16.28
CA MET A 4 -21.66 13.66 16.29
C MET A 4 -20.46 13.25 17.12
N LEU A 5 -19.81 12.20 16.71
CA LEU A 5 -18.62 11.74 17.47
C LEU A 5 -17.42 12.65 17.23
N GLU A 6 -16.35 12.39 17.93
CA GLU A 6 -15.14 13.24 17.75
C GLU A 6 -14.41 12.86 16.47
N GLY A 7 -13.74 13.82 15.89
CA GLY A 7 -12.99 13.53 14.63
C GLY A 7 -13.93 13.59 13.44
N ARG A 8 -13.86 14.65 12.69
CA ARG A 8 -14.74 14.78 11.50
C ARG A 8 -14.42 13.71 10.47
N LYS A 9 -15.42 13.28 9.74
CA LYS A 9 -15.19 12.24 8.71
C LYS A 9 -14.27 12.77 7.62
N LYS A 10 -13.86 11.88 6.74
CA LYS A 10 -12.96 12.30 5.63
C LYS A 10 -13.43 11.71 4.31
N ARG A 11 -12.49 11.51 3.40
CA ARG A 11 -12.85 10.94 2.07
C ARG A 11 -12.20 9.58 1.88
N VAL A 12 -12.65 8.86 0.88
CA VAL A 12 -12.05 7.53 0.64
C VAL A 12 -10.61 7.67 0.14
N PRO A 13 -9.65 7.04 0.83
CA PRO A 13 -8.25 7.12 0.42
C PRO A 13 -8.03 6.51 -0.97
N TYR A 14 -7.71 5.24 -1.00
CA TYR A 14 -7.47 4.56 -2.32
C TYR A 14 -6.86 5.51 -3.33
N THR A 15 -5.59 5.81 -3.15
CA THR A 15 -4.91 6.75 -4.09
C THR A 15 -3.67 6.10 -4.71
N LYS A 16 -3.02 6.84 -5.54
CA LYS A 16 -1.80 6.31 -6.19
C LYS A 16 -0.57 6.63 -5.35
N VAL A 17 -0.73 7.53 -4.43
CA VAL A 17 0.42 7.91 -3.56
C VAL A 17 0.50 6.91 -2.45
N GLN A 18 -0.58 6.22 -2.32
CA GLN A 18 -0.70 5.19 -1.30
C GLN A 18 0.09 3.95 -1.71
N LEU A 19 -0.23 3.44 -2.86
CA LEU A 19 0.48 2.23 -3.35
C LEU A 19 1.85 2.61 -3.90
N LYS A 20 2.06 3.88 -4.12
CA LYS A 20 3.37 4.31 -4.65
C LYS A 20 4.33 4.61 -3.52
N GLU A 21 3.83 5.18 -2.45
CA GLU A 21 4.73 5.49 -1.32
C GLU A 21 4.91 4.26 -0.51
N LEU A 22 4.01 3.36 -0.71
CA LEU A 22 4.05 2.09 0.01
C LEU A 22 5.02 1.12 -0.66
N GLU A 23 4.89 0.99 -1.95
CA GLU A 23 5.79 0.07 -2.68
C GLU A 23 7.19 0.65 -2.77
N ARG A 24 7.30 1.93 -2.54
CA ARG A 24 8.64 2.56 -2.62
C ARG A 24 9.41 2.36 -1.32
N GLU A 25 8.84 2.78 -0.23
CA GLU A 25 9.55 2.60 1.05
C GLU A 25 9.79 1.12 1.32
N TYR A 26 9.01 0.28 0.68
CA TYR A 26 9.20 -1.18 0.90
C TYR A 26 10.40 -1.66 0.08
N ALA A 27 10.44 -1.21 -1.14
CA ALA A 27 11.55 -1.62 -2.02
C ALA A 27 12.84 -0.89 -1.65
N THR A 28 12.72 0.10 -0.79
CA THR A 28 13.94 0.85 -0.38
C THR A 28 14.70 0.09 0.69
N ASN A 29 13.97 -0.60 1.53
CA ASN A 29 14.65 -1.37 2.60
C ASN A 29 13.88 -2.66 2.90
N LYS A 30 12.89 -2.56 3.74
CA LYS A 30 12.10 -3.76 4.08
C LYS A 30 10.87 -3.37 4.87
N PHE A 31 11.09 -2.65 5.94
CA PHE A 31 9.96 -2.22 6.77
C PHE A 31 10.29 -0.93 7.46
N ILE A 32 9.27 -0.24 7.91
CA ILE A 32 9.48 1.04 8.59
C ILE A 32 9.11 0.96 10.08
N THR A 33 9.62 1.89 10.84
CA THR A 33 9.32 1.92 12.30
C THR A 33 7.90 2.36 12.60
N LYS A 34 7.44 2.04 13.79
CA LYS A 34 6.06 2.42 14.17
C LYS A 34 5.78 3.88 13.85
N ASP A 35 6.76 4.71 14.04
CA ASP A 35 6.53 6.14 13.73
C ASP A 35 6.54 6.34 12.23
N LYS A 36 7.28 5.52 11.55
CA LYS A 36 7.36 5.65 10.08
C LYS A 36 6.15 4.99 9.43
N ARG A 37 5.79 3.82 9.88
CA ARG A 37 4.63 3.16 9.27
C ARG A 37 3.39 3.95 9.60
N ARG A 38 3.48 4.66 10.69
CA ARG A 38 2.34 5.47 11.12
C ARG A 38 2.29 6.72 10.27
N ARG A 39 3.44 7.14 9.81
CA ARG A 39 3.47 8.35 8.96
C ARG A 39 2.75 8.03 7.69
N ILE A 40 2.84 6.79 7.29
CA ILE A 40 2.16 6.39 6.05
C ILE A 40 0.67 6.52 6.28
N SER A 41 0.14 5.69 7.15
CA SER A 41 -1.34 5.76 7.42
C SER A 41 -1.81 7.21 7.49
N ALA A 42 -0.95 8.10 7.91
CA ALA A 42 -1.34 9.52 8.00
C ALA A 42 -1.22 10.18 6.64
N THR A 43 -0.35 9.65 5.85
CA THR A 43 -0.15 10.21 4.50
C THR A 43 -1.05 9.48 3.54
N THR A 44 -1.35 8.28 3.90
CA THR A 44 -2.21 7.45 3.07
C THR A 44 -3.65 7.57 3.57
N ASN A 45 -3.77 7.91 4.83
CA ASN A 45 -5.12 8.06 5.45
C ASN A 45 -5.80 6.75 5.88
N LEU A 46 -5.20 6.02 6.78
CA LEU A 46 -5.84 4.74 7.21
C LEU A 46 -5.55 4.49 8.68
N SER A 47 -5.70 3.27 9.12
CA SER A 47 -5.44 2.98 10.53
C SER A 47 -3.97 2.94 10.79
N GLU A 48 -3.49 1.78 11.03
CA GLU A 48 -2.08 1.60 11.30
C GLU A 48 -1.79 0.14 11.14
N ARG A 49 -2.42 -0.66 11.96
CA ARG A 49 -2.18 -2.08 11.84
C ARG A 49 -2.53 -2.44 10.43
N GLN A 50 -3.27 -1.54 9.81
CA GLN A 50 -3.69 -1.74 8.41
C GLN A 50 -2.50 -1.52 7.52
N VAL A 51 -1.73 -0.48 7.82
CA VAL A 51 -0.56 -0.21 6.98
C VAL A 51 0.32 -1.41 7.07
N THR A 52 0.52 -1.81 8.27
CA THR A 52 1.34 -2.97 8.54
C THR A 52 0.86 -4.10 7.67
N ILE A 53 -0.45 -4.21 7.61
CA ILE A 53 -1.05 -5.26 6.80
C ILE A 53 -0.88 -4.89 5.34
N TRP A 54 -0.82 -3.61 5.09
CA TRP A 54 -0.65 -3.16 3.71
C TRP A 54 0.64 -3.70 3.22
N PHE A 55 1.60 -3.70 4.09
CA PHE A 55 2.91 -4.22 3.71
C PHE A 55 2.84 -5.71 3.47
N GLN A 56 2.05 -6.38 4.29
CA GLN A 56 1.93 -7.85 4.13
C GLN A 56 1.13 -8.17 2.89
N ASN A 57 0.24 -7.27 2.53
CA ASN A 57 -0.57 -7.50 1.33
C ASN A 57 0.29 -7.22 0.14
N ARG A 58 1.27 -6.43 0.40
CA ARG A 58 2.19 -6.06 -0.65
C ARG A 58 3.21 -7.17 -0.76
N ARG A 59 3.31 -7.96 0.30
CA ARG A 59 4.28 -9.08 0.28
C ARG A 59 3.60 -10.26 -0.33
N VAL A 60 2.32 -10.19 -0.35
CA VAL A 60 1.51 -11.26 -0.92
C VAL A 60 1.25 -10.97 -2.40
N LYS A 61 1.36 -9.71 -2.75
CA LYS A 61 1.12 -9.31 -4.15
C LYS A 61 2.42 -9.36 -4.97
N GLU A 62 3.54 -9.34 -4.29
CA GLU A 62 4.83 -9.38 -5.02
C GLU A 62 5.05 -10.77 -5.57
N LYS A 63 4.64 -11.75 -4.81
CA LYS A 63 4.82 -13.14 -5.28
C LYS A 63 3.70 -13.56 -6.22
N LYS A 64 2.57 -12.92 -6.09
CA LYS A 64 1.43 -13.25 -6.98
C LYS A 64 1.89 -13.42 -8.42
N VAL A 65 3.03 -12.86 -8.72
CA VAL A 65 3.55 -12.97 -10.11
C VAL A 65 3.84 -14.43 -10.47
N ILE A 66 3.92 -15.27 -9.47
CA ILE A 66 4.20 -16.70 -9.75
C ILE A 66 3.20 -17.26 -10.75
N ASN A 67 1.95 -16.93 -10.56
CA ASN A 67 0.91 -17.45 -11.49
C ASN A 67 1.37 -17.33 -12.94
N LYS A 68 1.23 -16.16 -13.50
CA LYS A 68 1.66 -15.97 -14.91
C LYS A 68 3.15 -16.26 -15.08
N LEU A 69 3.59 -16.27 -16.30
CA LEU A 69 5.02 -16.54 -16.56
C LEU A 69 5.50 -17.76 -15.80
N LYS A 70 5.07 -18.92 -16.24
CA LYS A 70 5.49 -20.16 -15.55
C LYS A 70 7.01 -20.24 -15.46
N THR A 71 7.48 -20.93 -14.46
CA THR A 71 8.95 -21.05 -14.30
C THR A 71 9.57 -21.75 -15.49
N THR A 72 10.36 -21.02 -16.23
CA THR A 72 11.00 -21.63 -17.43
C THR A 72 12.23 -20.83 -17.84
N SER A 73 13.36 -21.21 -17.31
CA SER A 73 14.61 -20.49 -17.67
C SER A 73 14.46 -18.99 -17.42
N MET A 1 -33.59 16.89 5.96
CA MET A 1 -33.14 15.69 6.71
C MET A 1 -31.61 15.54 6.60
N SER A 2 -31.18 14.39 6.14
CA SER A 2 -29.72 14.17 6.00
C SER A 2 -29.18 14.90 4.78
N HIS A 3 -27.88 14.84 4.62
CA HIS A 3 -27.27 15.51 3.45
C HIS A 3 -25.83 15.07 3.26
N MET A 4 -25.65 13.78 3.08
CA MET A 4 -24.27 13.26 2.89
C MET A 4 -23.91 13.24 1.41
N LEU A 5 -23.38 12.13 0.96
CA LEU A 5 -23.01 12.04 -0.46
C LEU A 5 -23.00 10.58 -0.92
N GLU A 6 -24.09 10.18 -1.52
CA GLU A 6 -24.17 8.77 -2.00
C GLU A 6 -23.58 8.64 -3.40
N GLY A 7 -24.23 7.87 -4.23
CA GLY A 7 -23.72 7.68 -5.61
C GLY A 7 -22.40 6.92 -5.59
N ARG A 8 -21.40 7.51 -4.98
CA ARG A 8 -20.08 6.84 -4.92
C ARG A 8 -19.22 7.41 -3.79
N LYS A 9 -18.34 6.60 -3.27
CA LYS A 9 -17.47 7.08 -2.18
C LYS A 9 -16.52 8.17 -2.67
N LYS A 10 -16.22 9.12 -1.83
CA LYS A 10 -15.29 10.20 -2.24
C LYS A 10 -14.40 10.63 -1.09
N ARG A 11 -14.93 10.57 0.10
CA ARG A 11 -14.11 10.97 1.28
C ARG A 11 -13.18 9.85 1.70
N VAL A 12 -12.87 8.99 0.74
CA VAL A 12 -11.96 7.84 1.04
C VAL A 12 -10.70 7.93 0.17
N PRO A 13 -9.65 8.52 0.71
CA PRO A 13 -8.40 8.66 -0.03
C PRO A 13 -7.88 7.32 -0.52
N TYR A 14 -7.50 7.30 -1.76
CA TYR A 14 -6.96 6.05 -2.36
C TYR A 14 -6.44 6.35 -3.75
N THR A 15 -5.21 6.80 -3.82
CA THR A 15 -4.61 7.12 -5.15
C THR A 15 -3.25 6.49 -5.34
N LYS A 16 -2.41 7.15 -6.10
CA LYS A 16 -1.05 6.61 -6.35
C LYS A 16 -0.09 7.03 -5.24
N VAL A 17 -0.42 8.08 -4.54
CA VAL A 17 0.50 8.53 -3.46
C VAL A 17 0.50 7.48 -2.39
N GLN A 18 -0.61 6.84 -2.27
CA GLN A 18 -0.76 5.78 -1.27
C GLN A 18 0.06 4.56 -1.70
N LEU A 19 -0.15 4.15 -2.93
CA LEU A 19 0.59 2.98 -3.44
C LEU A 19 2.05 3.35 -3.67
N LYS A 20 2.31 4.63 -3.70
CA LYS A 20 3.71 5.07 -3.92
C LYS A 20 4.51 4.88 -2.65
N GLU A 21 3.91 5.23 -1.55
CA GLU A 21 4.65 5.07 -0.29
C GLU A 21 4.74 3.59 0.09
N LEU A 22 3.89 2.80 -0.47
CA LEU A 22 3.93 1.35 -0.14
C LEU A 22 5.05 0.62 -0.90
N GLU A 23 5.19 0.94 -2.16
CA GLU A 23 6.25 0.26 -2.97
C GLU A 23 7.62 0.89 -2.79
N ARG A 24 7.67 2.10 -2.37
CA ARG A 24 8.99 2.74 -2.20
C ARG A 24 9.56 2.42 -0.85
N GLU A 25 8.75 2.53 0.15
CA GLU A 25 9.25 2.21 1.50
C GLU A 25 9.53 0.73 1.62
N TYR A 26 8.89 -0.05 0.76
CA TYR A 26 9.12 -1.52 0.83
C TYR A 26 10.28 -1.91 -0.07
N ALA A 27 10.46 -1.17 -1.13
CA ALA A 27 11.57 -1.48 -2.06
C ALA A 27 12.84 -0.75 -1.67
N THR A 28 12.70 0.26 -0.86
CA THR A 28 13.90 1.02 -0.43
C THR A 28 14.72 0.18 0.51
N ASN A 29 14.05 -0.58 1.35
CA ASN A 29 14.79 -1.45 2.30
C ASN A 29 14.06 -2.76 2.51
N LYS A 30 12.99 -2.70 3.26
CA LYS A 30 12.20 -3.92 3.53
C LYS A 30 10.96 -3.54 4.30
N PHE A 31 11.17 -2.76 5.31
CA PHE A 31 10.05 -2.32 6.14
C PHE A 31 10.37 -0.97 6.72
N ILE A 32 9.36 -0.27 7.15
CA ILE A 32 9.58 1.06 7.74
C ILE A 32 9.34 1.06 9.26
N THR A 33 9.88 2.05 9.91
CA THR A 33 9.71 2.15 11.40
C THR A 33 8.30 2.55 11.81
N LYS A 34 7.98 2.28 13.06
CA LYS A 34 6.64 2.63 13.57
C LYS A 34 6.32 4.06 13.24
N ASP A 35 7.30 4.91 13.34
CA ASP A 35 7.05 6.32 13.04
C ASP A 35 6.77 6.45 11.57
N LYS A 36 7.32 5.52 10.81
CA LYS A 36 7.11 5.54 9.37
C LYS A 36 5.87 4.72 9.01
N ARG A 37 5.47 3.86 9.90
CA ARG A 37 4.28 3.05 9.61
C ARG A 37 3.06 3.94 9.75
N ARG A 38 3.24 4.92 10.59
CA ARG A 38 2.16 5.88 10.86
C ARG A 38 2.18 7.05 9.87
N ARG A 39 3.34 7.47 9.42
CA ARG A 39 3.31 8.59 8.47
C ARG A 39 2.58 8.13 7.25
N ILE A 40 2.77 6.86 6.92
CA ILE A 40 2.05 6.35 5.73
C ILE A 40 0.58 6.40 6.05
N SER A 41 0.15 5.47 6.89
CA SER A 41 -1.28 5.44 7.27
C SER A 41 -1.83 6.85 7.51
N ALA A 42 -1.01 7.70 8.08
CA ALA A 42 -1.46 9.10 8.35
C ALA A 42 -1.58 9.89 7.07
N THR A 43 -0.77 9.56 6.10
CA THR A 43 -0.82 10.28 4.82
C THR A 43 -1.77 9.57 3.90
N THR A 44 -1.76 8.30 4.02
CA THR A 44 -2.63 7.46 3.21
C THR A 44 -4.00 7.33 3.87
N ASN A 45 -4.05 7.70 5.12
CA ASN A 45 -5.33 7.64 5.87
C ASN A 45 -5.82 6.19 6.03
N LEU A 46 -5.13 5.44 6.85
CA LEU A 46 -5.54 4.01 7.08
C LEU A 46 -5.74 3.72 8.56
N SER A 47 -4.79 3.03 9.16
CA SER A 47 -4.96 2.74 10.61
C SER A 47 -3.68 2.17 11.26
N GLU A 48 -2.54 2.41 10.65
CA GLU A 48 -1.26 1.88 11.21
C GLU A 48 -1.24 0.36 11.16
N ARG A 49 -2.19 -0.23 11.79
CA ARG A 49 -2.23 -1.71 11.77
C ARG A 49 -2.61 -2.15 10.39
N GLN A 50 -3.31 -1.28 9.71
CA GLN A 50 -3.74 -1.59 8.34
C GLN A 50 -2.54 -1.49 7.41
N VAL A 51 -1.71 -0.49 7.63
CA VAL A 51 -0.52 -0.35 6.74
C VAL A 51 0.36 -1.55 6.93
N THR A 52 0.63 -1.86 8.16
CA THR A 52 1.48 -3.03 8.41
C THR A 52 0.86 -4.21 7.69
N ILE A 53 -0.44 -4.26 7.75
CA ILE A 53 -1.14 -5.35 7.09
C ILE A 53 -1.04 -5.13 5.60
N TRP A 54 -0.95 -3.87 5.24
CA TRP A 54 -0.83 -3.55 3.82
C TRP A 54 0.48 -4.07 3.35
N PHE A 55 1.48 -3.86 4.14
CA PHE A 55 2.81 -4.34 3.72
C PHE A 55 2.81 -5.85 3.51
N GLN A 56 2.13 -6.55 4.37
CA GLN A 56 2.09 -8.02 4.22
C GLN A 56 1.33 -8.38 2.96
N ASN A 57 0.28 -7.64 2.70
CA ASN A 57 -0.51 -7.93 1.51
C ASN A 57 0.32 -7.58 0.31
N ARG A 58 1.27 -6.74 0.56
CA ARG A 58 2.15 -6.33 -0.52
C ARG A 58 3.19 -7.40 -0.71
N ARG A 59 3.37 -8.21 0.32
CA ARG A 59 4.36 -9.30 0.22
C ARG A 59 3.69 -10.49 -0.39
N VAL A 60 2.39 -10.45 -0.34
CA VAL A 60 1.57 -11.52 -0.89
C VAL A 60 1.23 -11.22 -2.34
N LYS A 61 1.30 -9.95 -2.68
CA LYS A 61 0.99 -9.53 -4.06
C LYS A 61 2.25 -9.52 -4.91
N GLU A 62 3.39 -9.39 -4.26
CA GLU A 62 4.66 -9.38 -5.01
C GLU A 62 4.93 -10.74 -5.62
N LYS A 63 4.39 -11.74 -5.00
CA LYS A 63 4.59 -13.10 -5.52
C LYS A 63 3.49 -13.48 -6.51
N LYS A 64 2.48 -12.65 -6.59
CA LYS A 64 1.38 -12.95 -7.51
C LYS A 64 1.79 -12.63 -8.93
N VAL A 65 3.06 -12.40 -9.08
CA VAL A 65 3.57 -12.06 -10.43
C VAL A 65 4.96 -12.66 -10.64
N ILE A 66 5.34 -13.53 -9.72
CA ILE A 66 6.67 -14.18 -9.82
C ILE A 66 6.49 -15.69 -10.01
N ASN A 67 5.26 -16.11 -10.06
CA ASN A 67 4.98 -17.55 -10.24
C ASN A 67 5.27 -18.00 -11.67
N LYS A 68 5.65 -17.04 -12.49
CA LYS A 68 5.94 -17.38 -13.91
C LYS A 68 7.12 -16.55 -14.41
N LEU A 69 6.96 -15.95 -15.56
CA LEU A 69 8.07 -15.13 -16.11
C LEU A 69 9.25 -16.01 -16.52
N LYS A 70 10.09 -15.47 -17.37
CA LYS A 70 11.28 -16.25 -17.83
C LYS A 70 10.86 -17.57 -18.46
N THR A 71 11.82 -18.43 -18.68
CA THR A 71 11.51 -19.75 -19.28
C THR A 71 10.64 -20.60 -18.36
N THR A 72 10.81 -21.90 -18.47
CA THR A 72 10.00 -22.81 -17.62
C THR A 72 9.95 -22.33 -16.18
N SER A 73 11.08 -22.30 -15.53
CA SER A 73 11.11 -21.85 -14.12
C SER A 73 12.51 -21.45 -13.71
N MET A 1 -28.38 15.17 16.97
CA MET A 1 -27.25 16.13 16.89
C MET A 1 -26.63 16.10 15.50
N SER A 2 -26.46 17.25 14.91
CA SER A 2 -25.86 17.29 13.56
C SER A 2 -24.34 17.41 13.65
N HIS A 3 -23.71 16.39 14.15
CA HIS A 3 -22.24 16.43 14.28
C HIS A 3 -21.58 16.60 12.92
N MET A 4 -20.29 16.83 12.92
CA MET A 4 -19.58 17.02 11.63
C MET A 4 -19.12 15.68 11.08
N LEU A 5 -19.88 15.13 10.17
CA LEU A 5 -19.50 13.83 9.59
C LEU A 5 -18.43 14.01 8.52
N GLU A 6 -17.23 14.28 8.93
CA GLU A 6 -16.14 14.47 7.95
C GLU A 6 -15.87 13.18 7.18
N GLY A 7 -16.41 12.10 7.67
CA GLY A 7 -16.20 10.80 6.97
C GLY A 7 -17.04 10.73 5.70
N ARG A 8 -16.77 9.76 4.87
CA ARG A 8 -17.54 9.64 3.62
C ARG A 8 -17.70 10.99 2.94
N LYS A 9 -16.68 11.80 3.07
CA LYS A 9 -16.74 13.15 2.45
C LYS A 9 -15.99 13.18 1.13
N LYS A 10 -15.08 12.25 0.96
CA LYS A 10 -14.29 12.20 -0.30
C LYS A 10 -14.30 10.80 -0.89
N ARG A 11 -13.21 10.42 -1.51
CA ARG A 11 -13.14 9.07 -2.12
C ARG A 11 -12.58 8.06 -1.13
N VAL A 12 -12.41 6.85 -1.61
CA VAL A 12 -11.87 5.79 -0.75
C VAL A 12 -10.34 5.70 -0.90
N PRO A 13 -9.67 5.19 0.11
CA PRO A 13 -8.21 5.06 0.09
C PRO A 13 -7.75 4.15 -1.07
N TYR A 14 -6.70 3.41 -0.86
CA TYR A 14 -6.21 2.52 -1.94
C TYR A 14 -6.06 3.32 -3.23
N THR A 15 -5.24 4.33 -3.18
CA THR A 15 -5.01 5.18 -4.38
C THR A 15 -3.62 4.95 -4.97
N LYS A 16 -3.16 5.91 -5.73
CA LYS A 16 -1.81 5.77 -6.35
C LYS A 16 -0.72 6.36 -5.44
N VAL A 17 -1.08 7.36 -4.68
CA VAL A 17 -0.06 7.97 -3.77
C VAL A 17 0.11 7.07 -2.59
N GLN A 18 -0.88 6.25 -2.42
CA GLN A 18 -0.89 5.30 -1.32
C GLN A 18 -0.02 4.09 -1.67
N LEU A 19 -0.31 3.49 -2.78
CA LEU A 19 0.48 2.32 -3.21
C LEU A 19 1.86 2.76 -3.69
N LYS A 20 2.03 4.05 -3.84
CA LYS A 20 3.34 4.55 -4.31
C LYS A 20 4.27 4.81 -3.14
N GLU A 21 3.75 5.38 -2.08
CA GLU A 21 4.62 5.64 -0.91
C GLU A 21 4.87 4.34 -0.22
N LEU A 22 4.05 3.41 -0.56
CA LEU A 22 4.14 2.06 0.00
C LEU A 22 5.21 1.25 -0.70
N GLU A 23 5.19 1.25 -2.00
CA GLU A 23 6.19 0.48 -2.75
C GLU A 23 7.56 1.14 -2.61
N ARG A 24 7.54 2.36 -2.18
CA ARG A 24 8.81 3.08 -2.01
C ARG A 24 9.47 2.69 -0.69
N GLU A 25 8.71 2.76 0.36
CA GLU A 25 9.28 2.40 1.68
C GLU A 25 9.60 0.92 1.72
N TYR A 26 9.04 0.18 0.79
CA TYR A 26 9.31 -1.28 0.77
C TYR A 26 10.56 -1.55 -0.07
N ALA A 27 10.72 -0.77 -1.10
CA ALA A 27 11.90 -0.96 -1.97
C ALA A 27 13.12 -0.35 -1.32
N THR A 28 12.90 0.45 -0.31
CA THR A 28 14.03 1.09 0.39
C THR A 28 14.80 0.05 1.18
N ASN A 29 14.06 -0.82 1.81
CA ASN A 29 14.74 -1.88 2.62
C ASN A 29 13.84 -3.11 2.74
N LYS A 30 12.80 -2.99 3.51
CA LYS A 30 11.88 -4.13 3.68
C LYS A 30 10.68 -3.69 4.50
N PHE A 31 10.96 -2.98 5.55
CA PHE A 31 9.88 -2.50 6.41
C PHE A 31 10.28 -1.20 7.06
N ILE A 32 9.32 -0.47 7.52
CA ILE A 32 9.62 0.82 8.16
C ILE A 32 9.32 0.80 9.66
N THR A 33 9.90 1.74 10.36
CA THR A 33 9.69 1.84 11.82
C THR A 33 8.27 2.27 12.17
N LYS A 34 7.89 2.00 13.38
CA LYS A 34 6.53 2.39 13.82
C LYS A 34 6.24 3.84 13.50
N ASP A 35 7.25 4.66 13.58
CA ASP A 35 7.05 6.09 13.26
C ASP A 35 6.95 6.29 11.75
N LYS A 36 7.60 5.41 11.04
CA LYS A 36 7.56 5.52 9.56
C LYS A 36 6.33 4.84 9.00
N ARG A 37 5.91 3.76 9.61
CA ARG A 37 4.72 3.06 9.08
C ARG A 37 3.46 3.81 9.46
N ARG A 38 3.55 4.59 10.52
CA ARG A 38 2.36 5.34 10.93
C ARG A 38 2.32 6.58 10.10
N ARG A 39 3.49 6.92 9.60
CA ARG A 39 3.60 8.11 8.76
C ARG A 39 2.77 7.85 7.53
N ILE A 40 3.01 6.70 6.97
CA ILE A 40 2.27 6.32 5.77
C ILE A 40 0.80 6.41 6.06
N SER A 41 0.35 5.53 6.92
CA SER A 41 -1.08 5.51 7.30
C SER A 41 -1.63 6.94 7.46
N ALA A 42 -0.79 7.85 7.90
CA ALA A 42 -1.25 9.25 8.07
C ALA A 42 -1.23 10.00 6.75
N THR A 43 -0.39 9.55 5.87
CA THR A 43 -0.29 10.21 4.55
C THR A 43 -1.22 9.51 3.60
N THR A 44 -1.38 8.25 3.85
CA THR A 44 -2.26 7.42 3.02
C THR A 44 -3.68 7.56 3.54
N ASN A 45 -3.77 8.17 4.69
CA ASN A 45 -5.07 8.40 5.35
C ASN A 45 -5.89 7.14 5.56
N LEU A 46 -5.44 6.27 6.44
CA LEU A 46 -6.22 5.02 6.69
C LEU A 46 -6.22 4.71 8.19
N SER A 47 -5.40 3.79 8.61
CA SER A 47 -5.34 3.46 10.06
C SER A 47 -3.90 3.35 10.51
N GLU A 48 -3.49 2.15 10.79
CA GLU A 48 -2.11 1.91 11.23
C GLU A 48 -1.88 0.43 11.10
N ARG A 49 -2.67 -0.32 11.82
CA ARG A 49 -2.53 -1.77 11.77
C ARG A 49 -2.84 -2.17 10.33
N GLN A 50 -3.51 -1.26 9.65
CA GLN A 50 -3.88 -1.50 8.25
C GLN A 50 -2.63 -1.42 7.39
N VAL A 51 -1.77 -0.47 7.71
CA VAL A 51 -0.53 -0.36 6.89
C VAL A 51 0.24 -1.61 7.13
N THR A 52 0.48 -1.86 8.38
CA THR A 52 1.22 -3.06 8.75
C THR A 52 0.71 -4.21 7.91
N ILE A 53 -0.59 -4.24 7.77
CA ILE A 53 -1.25 -5.29 6.98
C ILE A 53 -1.11 -4.96 5.50
N TRP A 54 -1.06 -3.70 5.22
CA TRP A 54 -0.93 -3.26 3.82
C TRP A 54 0.38 -3.79 3.33
N PHE A 55 1.37 -3.74 4.18
CA PHE A 55 2.67 -4.24 3.75
C PHE A 55 2.59 -5.74 3.54
N GLN A 56 1.95 -6.43 4.44
CA GLN A 56 1.85 -7.90 4.30
C GLN A 56 1.13 -8.22 3.00
N ASN A 57 0.25 -7.34 2.59
CA ASN A 57 -0.48 -7.57 1.35
C ASN A 57 0.46 -7.35 0.22
N ARG A 58 1.23 -6.32 0.35
CA ARG A 58 2.20 -6.02 -0.68
C ARG A 58 3.14 -7.19 -0.84
N ARG A 59 3.23 -7.99 0.20
CA ARG A 59 4.13 -9.16 0.14
C ARG A 59 3.37 -10.27 -0.52
N VAL A 60 2.09 -10.16 -0.44
CA VAL A 60 1.21 -11.16 -1.04
C VAL A 60 0.98 -10.81 -2.51
N LYS A 61 1.38 -9.60 -2.85
CA LYS A 61 1.22 -9.14 -4.24
C LYS A 61 2.46 -9.47 -5.06
N GLU A 62 3.60 -9.46 -4.41
CA GLU A 62 4.86 -9.78 -5.13
C GLU A 62 4.91 -11.26 -5.48
N LYS A 63 4.34 -12.05 -4.62
CA LYS A 63 4.35 -13.50 -4.88
C LYS A 63 3.22 -13.91 -5.80
N LYS A 64 2.33 -12.98 -6.05
CA LYS A 64 1.19 -13.29 -6.95
C LYS A 64 1.74 -13.87 -8.23
N VAL A 65 3.02 -13.81 -8.36
CA VAL A 65 3.66 -14.34 -9.56
C VAL A 65 3.32 -15.81 -9.75
N ILE A 66 3.04 -16.47 -8.65
CA ILE A 66 2.69 -17.90 -8.73
C ILE A 66 1.46 -18.12 -9.60
N ASN A 67 0.52 -17.22 -9.51
CA ASN A 67 -0.71 -17.36 -10.33
C ASN A 67 -0.44 -16.98 -11.78
N LYS A 68 0.35 -15.95 -11.96
CA LYS A 68 0.67 -15.52 -13.34
C LYS A 68 1.87 -16.30 -13.88
N LEU A 69 2.60 -15.68 -14.77
CA LEU A 69 3.78 -16.37 -15.35
C LEU A 69 3.37 -17.58 -16.16
N LYS A 70 3.50 -17.48 -17.45
CA LYS A 70 3.11 -18.61 -18.32
C LYS A 70 3.62 -19.94 -17.74
N THR A 71 2.70 -20.71 -17.19
CA THR A 71 3.12 -22.00 -16.60
C THR A 71 4.06 -22.75 -17.55
N THR A 72 5.01 -23.45 -16.98
CA THR A 72 5.95 -24.20 -17.83
C THR A 72 5.33 -25.51 -18.31
N SER A 73 4.72 -25.46 -19.47
CA SER A 73 4.09 -26.68 -20.01
C SER A 73 4.10 -26.66 -21.53
N MET A 1 -1.36 17.39 -23.65
CA MET A 1 -2.10 18.64 -23.32
C MET A 1 -2.81 18.47 -21.96
N SER A 2 -3.31 17.29 -21.71
CA SER A 2 -4.01 17.05 -20.43
C SER A 2 -3.96 15.57 -20.06
N HIS A 3 -3.50 15.29 -18.87
CA HIS A 3 -3.43 13.88 -18.44
C HIS A 3 -4.83 13.30 -18.30
N MET A 4 -5.81 14.14 -18.29
CA MET A 4 -7.21 13.66 -18.17
C MET A 4 -7.64 12.91 -19.42
N LEU A 5 -7.55 11.61 -19.36
CA LEU A 5 -7.95 10.80 -20.54
C LEU A 5 -8.27 9.37 -20.11
N GLU A 6 -9.53 9.10 -19.94
CA GLU A 6 -9.93 7.73 -19.52
C GLU A 6 -11.21 7.30 -20.21
N GLY A 7 -11.67 6.12 -19.90
CA GLY A 7 -12.93 5.62 -20.51
C GLY A 7 -12.82 4.13 -20.81
N ARG A 8 -12.22 3.41 -19.89
CA ARG A 8 -12.06 1.95 -20.10
C ARG A 8 -12.27 1.18 -18.80
N LYS A 9 -11.87 -0.05 -18.79
CA LYS A 9 -12.03 -0.85 -17.55
C LYS A 9 -11.22 -0.27 -16.40
N LYS A 10 -11.89 0.09 -15.34
CA LYS A 10 -11.18 0.67 -14.18
C LYS A 10 -10.23 -0.36 -13.57
N ARG A 11 -9.13 0.11 -13.05
CA ARG A 11 -8.16 -0.84 -12.44
C ARG A 11 -7.10 -0.09 -11.63
N VAL A 12 -7.30 1.19 -11.45
CA VAL A 12 -6.31 1.98 -10.67
C VAL A 12 -6.51 1.75 -9.16
N PRO A 13 -5.41 1.65 -8.42
CA PRO A 13 -5.49 1.45 -6.96
C PRO A 13 -6.21 2.59 -6.27
N TYR A 14 -6.04 2.68 -4.98
CA TYR A 14 -6.70 3.77 -4.23
C TYR A 14 -6.20 5.13 -4.70
N THR A 15 -4.99 5.47 -4.29
CA THR A 15 -4.43 6.78 -4.70
C THR A 15 -3.01 6.60 -5.22
N LYS A 16 -2.38 7.67 -5.59
CA LYS A 16 -1.01 7.57 -6.10
C LYS A 16 0.00 7.70 -4.97
N VAL A 17 -0.39 8.42 -3.95
CA VAL A 17 0.53 8.61 -2.81
C VAL A 17 0.43 7.41 -1.92
N GLN A 18 -0.58 6.65 -2.17
CA GLN A 18 -0.82 5.45 -1.39
C GLN A 18 0.08 4.31 -1.87
N LEU A 19 -0.01 4.00 -3.14
CA LEU A 19 0.82 2.91 -3.68
C LEU A 19 2.26 3.38 -3.84
N LYS A 20 2.44 4.67 -3.78
CA LYS A 20 3.80 5.21 -3.93
C LYS A 20 4.53 5.10 -2.60
N GLU A 21 3.85 5.38 -1.52
CA GLU A 21 4.51 5.28 -0.21
C GLU A 21 4.71 3.83 0.18
N LEU A 22 3.86 2.99 -0.31
CA LEU A 22 3.98 1.55 0.02
C LEU A 22 5.13 0.90 -0.75
N GLU A 23 5.10 1.07 -2.04
CA GLU A 23 6.18 0.48 -2.89
C GLU A 23 7.52 1.18 -2.68
N ARG A 24 7.50 2.32 -2.07
CA ARG A 24 8.78 3.04 -1.85
C ARG A 24 9.45 2.55 -0.59
N GLU A 25 8.69 2.51 0.47
CA GLU A 25 9.25 2.05 1.74
C GLU A 25 9.60 0.57 1.68
N TYR A 26 9.01 -0.13 0.74
CA TYR A 26 9.32 -1.58 0.63
C TYR A 26 10.52 -1.79 -0.27
N ALA A 27 10.57 -1.04 -1.34
CA ALA A 27 11.71 -1.18 -2.27
C ALA A 27 12.94 -0.44 -1.74
N THR A 28 12.74 0.33 -0.71
CA THR A 28 13.88 1.09 -0.14
C THR A 28 14.70 0.20 0.78
N ASN A 29 14.04 -0.68 1.49
CA ASN A 29 14.77 -1.57 2.41
C ASN A 29 14.00 -2.86 2.68
N LYS A 30 13.11 -2.80 3.62
CA LYS A 30 12.30 -4.00 3.95
C LYS A 30 11.05 -3.58 4.69
N PHE A 31 11.24 -2.78 5.69
CA PHE A 31 10.12 -2.30 6.47
C PHE A 31 10.44 -0.93 7.01
N ILE A 32 9.43 -0.23 7.42
CA ILE A 32 9.66 1.12 7.96
C ILE A 32 9.45 1.18 9.47
N THR A 33 9.98 2.22 10.07
CA THR A 33 9.87 2.39 11.53
C THR A 33 8.46 2.75 11.96
N LYS A 34 8.20 2.54 13.23
CA LYS A 34 6.86 2.85 13.77
C LYS A 34 6.38 4.21 13.32
N ASP A 35 7.27 5.17 13.30
CA ASP A 35 6.86 6.52 12.87
C ASP A 35 6.73 6.56 11.36
N LYS A 36 7.52 5.75 10.72
CA LYS A 36 7.47 5.70 9.25
C LYS A 36 6.24 4.96 8.76
N ARG A 37 5.92 3.86 9.40
CA ARG A 37 4.73 3.10 8.97
C ARG A 37 3.49 3.87 9.36
N ARG A 38 3.60 4.59 10.44
CA ARG A 38 2.46 5.39 10.90
C ARG A 38 2.28 6.58 10.00
N ARG A 39 3.35 6.97 9.35
CA ARG A 39 3.25 8.13 8.44
C ARG A 39 2.39 7.73 7.28
N ILE A 40 2.73 6.59 6.72
CA ILE A 40 1.95 6.11 5.58
C ILE A 40 0.49 6.13 5.95
N SER A 41 0.16 5.36 6.95
CA SER A 41 -1.26 5.31 7.40
C SER A 41 -1.87 6.72 7.44
N ALA A 42 -1.10 7.67 7.92
CA ALA A 42 -1.61 9.06 8.01
C ALA A 42 -1.61 9.69 6.64
N THR A 43 -0.90 9.08 5.75
CA THR A 43 -0.82 9.61 4.38
C THR A 43 -1.90 8.96 3.55
N THR A 44 -2.08 7.71 3.81
CA THR A 44 -3.10 6.94 3.08
C THR A 44 -4.49 7.22 3.70
N ASN A 45 -4.49 7.55 4.99
CA ASN A 45 -5.78 7.86 5.74
C ASN A 45 -6.50 6.66 6.43
N LEU A 46 -5.80 5.92 7.28
CA LEU A 46 -6.51 4.76 7.96
C LEU A 46 -5.94 4.54 9.36
N SER A 47 -5.86 3.32 9.81
CA SER A 47 -5.32 3.07 11.14
C SER A 47 -3.82 3.05 11.11
N GLU A 48 -3.31 1.89 11.25
CA GLU A 48 -1.87 1.72 11.24
C GLU A 48 -1.62 0.29 10.93
N ARG A 49 -2.20 -0.57 11.73
CA ARG A 49 -2.02 -1.99 11.49
C ARG A 49 -2.38 -2.21 10.05
N GLN A 50 -3.25 -1.33 9.55
CA GLN A 50 -3.67 -1.45 8.15
C GLN A 50 -2.44 -1.36 7.28
N VAL A 51 -1.59 -0.41 7.59
CA VAL A 51 -0.36 -0.26 6.79
C VAL A 51 0.45 -1.50 6.99
N THR A 52 0.61 -1.84 8.22
CA THR A 52 1.39 -3.04 8.54
C THR A 52 0.81 -4.18 7.74
N ILE A 53 -0.49 -4.18 7.67
CA ILE A 53 -1.20 -5.22 6.92
C ILE A 53 -1.02 -4.93 5.45
N TRP A 54 -0.94 -3.67 5.12
CA TRP A 54 -0.76 -3.28 3.73
C TRP A 54 0.53 -3.87 3.29
N PHE A 55 1.50 -3.78 4.15
CA PHE A 55 2.80 -4.35 3.78
C PHE A 55 2.68 -5.85 3.57
N GLN A 56 1.85 -6.48 4.38
CA GLN A 56 1.66 -7.94 4.24
C GLN A 56 0.91 -8.27 2.98
N ASN A 57 0.05 -7.36 2.57
CA ASN A 57 -0.70 -7.59 1.34
C ASN A 57 0.21 -7.35 0.20
N ARG A 58 1.22 -6.60 0.50
CA ARG A 58 2.20 -6.28 -0.50
C ARG A 58 3.15 -7.47 -0.61
N ARG A 59 3.17 -8.26 0.45
CA ARG A 59 4.06 -9.44 0.45
C ARG A 59 3.31 -10.54 -0.23
N VAL A 60 2.03 -10.43 -0.16
CA VAL A 60 1.14 -11.41 -0.76
C VAL A 60 1.00 -11.08 -2.24
N LYS A 61 1.30 -9.85 -2.57
CA LYS A 61 1.21 -9.40 -3.96
C LYS A 61 2.48 -9.77 -4.72
N GLU A 62 3.58 -9.80 -4.00
CA GLU A 62 4.86 -10.15 -4.64
C GLU A 62 4.78 -11.57 -5.18
N LYS A 63 4.03 -12.38 -4.49
CA LYS A 63 3.90 -13.78 -4.92
C LYS A 63 3.10 -13.87 -6.21
N LYS A 64 2.10 -13.04 -6.32
CA LYS A 64 1.28 -13.07 -7.55
C LYS A 64 2.09 -12.53 -8.72
N VAL A 65 3.37 -12.32 -8.49
CA VAL A 65 4.24 -11.79 -9.58
C VAL A 65 5.57 -12.54 -9.63
N ILE A 66 6.14 -12.78 -8.49
CA ILE A 66 7.43 -13.51 -8.47
C ILE A 66 7.20 -15.01 -8.63
N ASN A 67 6.08 -15.46 -8.11
CA ASN A 67 5.75 -16.91 -8.20
C ASN A 67 4.59 -17.11 -9.19
N LYS A 68 4.94 -17.19 -10.47
CA LYS A 68 3.94 -17.40 -11.59
C LYS A 68 3.78 -16.09 -12.38
N LEU A 69 4.67 -15.89 -13.32
CA LEU A 69 4.59 -14.65 -14.13
C LEU A 69 3.81 -14.89 -15.42
N LYS A 70 3.22 -13.85 -15.93
CA LYS A 70 2.43 -13.99 -17.19
C LYS A 70 2.37 -12.66 -17.94
N THR A 71 1.91 -11.64 -17.25
CA THR A 71 1.81 -10.31 -17.89
C THR A 71 2.64 -9.27 -17.12
N THR A 72 3.19 -9.69 -16.02
CA THR A 72 4.02 -8.74 -15.23
C THR A 72 3.29 -7.42 -15.07
N SER A 73 1.98 -7.48 -15.11
CA SER A 73 1.19 -6.23 -14.96
C SER A 73 -0.25 -6.55 -14.57
N MET A 1 -27.59 -13.55 -24.18
CA MET A 1 -26.55 -13.36 -23.14
C MET A 1 -26.46 -11.88 -22.76
N SER A 2 -27.57 -11.19 -22.85
CA SER A 2 -27.56 -9.76 -22.49
C SER A 2 -27.13 -9.56 -21.05
N HIS A 3 -25.90 -9.17 -20.87
CA HIS A 3 -25.39 -8.96 -19.50
C HIS A 3 -24.26 -7.93 -19.50
N MET A 4 -24.19 -7.16 -18.45
CA MET A 4 -23.12 -6.13 -18.37
C MET A 4 -22.94 -5.65 -16.94
N LEU A 5 -24.03 -5.49 -16.25
CA LEU A 5 -23.95 -5.02 -14.86
C LEU A 5 -23.54 -3.56 -14.80
N GLU A 6 -23.90 -2.83 -15.83
CA GLU A 6 -23.55 -1.40 -15.86
C GLU A 6 -22.04 -1.22 -16.04
N GLY A 7 -21.62 0.02 -16.12
CA GLY A 7 -20.17 0.29 -16.30
C GLY A 7 -19.35 -0.58 -15.34
N ARG A 8 -18.10 -0.77 -15.66
CA ARG A 8 -17.24 -1.60 -14.78
C ARG A 8 -16.98 -0.90 -13.46
N LYS A 9 -17.57 -1.40 -12.41
CA LYS A 9 -17.36 -0.77 -11.09
C LYS A 9 -16.02 -1.18 -10.51
N LYS A 10 -14.97 -0.93 -11.23
CA LYS A 10 -13.63 -1.29 -10.74
C LYS A 10 -13.25 -0.46 -9.51
N ARG A 11 -12.90 -1.12 -8.45
CA ARG A 11 -12.52 -0.38 -7.22
C ARG A 11 -11.10 0.14 -7.32
N VAL A 12 -10.80 1.13 -6.52
CA VAL A 12 -9.44 1.69 -6.55
C VAL A 12 -9.08 2.34 -5.19
N PRO A 13 -7.85 2.12 -4.73
CA PRO A 13 -7.40 2.67 -3.45
C PRO A 13 -7.63 4.18 -3.36
N TYR A 14 -7.47 4.73 -2.18
CA TYR A 14 -7.67 6.19 -1.99
C TYR A 14 -7.06 6.98 -3.15
N THR A 15 -5.75 7.05 -3.16
CA THR A 15 -5.07 7.80 -4.25
C THR A 15 -3.89 7.00 -4.78
N LYS A 16 -3.07 7.65 -5.56
CA LYS A 16 -1.90 6.95 -6.13
C LYS A 16 -0.70 7.11 -5.20
N VAL A 17 -0.62 8.26 -4.56
CA VAL A 17 0.51 8.48 -3.64
C VAL A 17 0.43 7.47 -2.53
N GLN A 18 -0.67 6.80 -2.51
CA GLN A 18 -0.92 5.76 -1.48
C GLN A 18 -0.19 4.48 -1.85
N LEU A 19 -0.55 3.91 -2.97
CA LEU A 19 0.11 2.66 -3.38
C LEU A 19 1.54 2.93 -3.80
N LYS A 20 1.85 4.19 -3.99
CA LYS A 20 3.22 4.54 -4.41
C LYS A 20 4.11 4.63 -3.19
N GLU A 21 3.62 5.25 -2.15
CA GLU A 21 4.45 5.36 -0.94
C GLU A 21 4.66 3.99 -0.34
N LEU A 22 3.72 3.11 -0.60
CA LEU A 22 3.84 1.74 -0.06
C LEU A 22 4.96 0.97 -0.75
N GLU A 23 4.91 0.96 -2.07
CA GLU A 23 5.97 0.23 -2.82
C GLU A 23 7.30 0.95 -2.74
N ARG A 24 7.26 2.16 -2.27
CA ARG A 24 8.51 2.94 -2.16
C ARG A 24 9.21 2.63 -0.85
N GLU A 25 8.49 2.75 0.22
CA GLU A 25 9.09 2.48 1.54
C GLU A 25 9.36 0.99 1.70
N TYR A 26 8.73 0.21 0.86
CA TYR A 26 8.95 -1.25 0.96
C TYR A 26 10.10 -1.66 0.07
N ALA A 27 10.20 -1.01 -1.07
CA ALA A 27 11.30 -1.33 -2.00
C ALA A 27 12.59 -0.64 -1.57
N THR A 28 12.48 0.24 -0.60
CA THR A 28 13.67 0.95 -0.12
C THR A 28 14.49 0.05 0.81
N ASN A 29 13.80 -0.70 1.62
CA ASN A 29 14.51 -1.61 2.56
C ASN A 29 13.73 -2.89 2.78
N LYS A 30 12.79 -2.83 3.69
CA LYS A 30 11.97 -4.03 3.97
C LYS A 30 10.77 -3.61 4.78
N PHE A 31 11.02 -2.94 5.86
CA PHE A 31 9.92 -2.48 6.71
C PHE A 31 10.30 -1.21 7.41
N ILE A 32 9.31 -0.46 7.76
CA ILE A 32 9.56 0.82 8.45
C ILE A 32 9.19 0.73 9.94
N THR A 33 9.72 1.63 10.71
CA THR A 33 9.43 1.63 12.17
C THR A 33 8.00 2.03 12.47
N LYS A 34 7.55 1.68 13.63
CA LYS A 34 6.17 2.03 14.03
C LYS A 34 5.88 3.48 13.70
N ASP A 35 6.84 4.33 13.95
CA ASP A 35 6.64 5.76 13.66
C ASP A 35 6.68 5.99 12.17
N LYS A 36 7.51 5.25 11.51
CA LYS A 36 7.62 5.42 10.04
C LYS A 36 6.36 4.90 9.32
N ARG A 37 5.88 3.74 9.71
CA ARG A 37 4.67 3.23 9.03
C ARG A 37 3.55 4.20 9.28
N ARG A 38 3.59 4.84 10.42
CA ARG A 38 2.54 5.80 10.73
C ARG A 38 2.57 6.95 9.74
N ARG A 39 3.76 7.29 9.26
CA ARG A 39 3.82 8.40 8.29
C ARG A 39 2.99 8.00 7.12
N ILE A 40 3.13 6.77 6.73
CA ILE A 40 2.34 6.29 5.59
C ILE A 40 0.88 6.38 5.96
N SER A 41 0.46 5.52 6.84
CA SER A 41 -0.95 5.56 7.25
C SER A 41 -1.40 7.01 7.51
N ALA A 42 -0.51 7.80 8.05
CA ALA A 42 -0.88 9.21 8.34
C ALA A 42 -0.96 10.03 7.05
N THR A 43 -0.36 9.53 6.00
CA THR A 43 -0.40 10.28 4.72
C THR A 43 -1.57 9.79 3.91
N THR A 44 -1.81 8.52 4.01
CA THR A 44 -2.92 7.92 3.26
C THR A 44 -4.26 8.22 3.97
N ASN A 45 -4.17 8.47 5.28
CA ASN A 45 -5.40 8.80 6.10
C ASN A 45 -6.20 7.59 6.71
N LEU A 46 -5.54 6.69 7.45
CA LEU A 46 -6.33 5.53 8.05
C LEU A 46 -5.78 5.14 9.44
N SER A 47 -5.56 3.86 9.71
CA SER A 47 -5.02 3.46 11.03
C SER A 47 -3.54 3.28 10.96
N GLU A 48 -3.14 2.07 11.10
CA GLU A 48 -1.72 1.75 11.07
C GLU A 48 -1.62 0.26 10.90
N ARG A 49 -2.23 -0.45 11.82
CA ARG A 49 -2.19 -1.91 11.71
C ARG A 49 -2.64 -2.24 10.31
N GLN A 50 -3.42 -1.32 9.76
CA GLN A 50 -3.93 -1.51 8.41
C GLN A 50 -2.80 -1.36 7.41
N VAL A 51 -1.86 -0.50 7.73
CA VAL A 51 -0.74 -0.33 6.80
C VAL A 51 0.16 -1.50 6.93
N THR A 52 0.42 -1.86 8.15
CA THR A 52 1.29 -3.00 8.37
C THR A 52 0.76 -4.12 7.51
N ILE A 53 -0.54 -4.08 7.33
CA ILE A 53 -1.20 -5.10 6.52
C ILE A 53 -0.85 -4.83 5.07
N TRP A 54 -0.68 -3.56 4.78
CA TRP A 54 -0.34 -3.18 3.42
C TRP A 54 0.92 -3.85 3.07
N PHE A 55 1.83 -3.78 3.99
CA PHE A 55 3.12 -4.41 3.75
C PHE A 55 2.93 -5.90 3.55
N GLN A 56 1.98 -6.44 4.25
CA GLN A 56 1.70 -7.89 4.13
C GLN A 56 1.05 -8.20 2.80
N ASN A 57 0.25 -7.28 2.32
CA ASN A 57 -0.43 -7.53 1.04
C ASN A 57 0.59 -7.35 -0.02
N ARG A 58 1.52 -6.53 0.28
CA ARG A 58 2.58 -6.26 -0.65
C ARG A 58 3.51 -7.46 -0.62
N ARG A 59 3.42 -8.20 0.46
CA ARG A 59 4.29 -9.40 0.59
C ARG A 59 3.56 -10.57 -0.03
N VAL A 60 2.27 -10.41 -0.12
CA VAL A 60 1.43 -11.46 -0.70
C VAL A 60 1.35 -11.26 -2.21
N LYS A 61 1.74 -10.08 -2.64
CA LYS A 61 1.71 -9.77 -4.08
C LYS A 61 3.03 -10.19 -4.68
N GLU A 62 4.07 -10.05 -3.89
CA GLU A 62 5.39 -10.42 -4.41
C GLU A 62 5.33 -11.86 -4.86
N LYS A 63 4.36 -12.55 -4.33
CA LYS A 63 4.17 -13.96 -4.69
C LYS A 63 3.81 -14.09 -6.15
N LYS A 64 3.45 -12.99 -6.74
CA LYS A 64 3.08 -13.02 -8.18
C LYS A 64 4.24 -13.51 -9.03
N VAL A 65 5.22 -14.12 -8.38
CA VAL A 65 6.40 -14.64 -9.15
C VAL A 65 6.60 -16.13 -8.89
N ILE A 66 6.99 -16.45 -7.69
CA ILE A 66 7.21 -17.89 -7.36
C ILE A 66 5.99 -18.71 -7.74
N ASN A 67 4.84 -18.27 -7.31
CA ASN A 67 3.61 -19.03 -7.63
C ASN A 67 3.04 -18.57 -8.98
N LYS A 68 3.76 -18.84 -10.03
CA LYS A 68 3.28 -18.44 -11.36
C LYS A 68 4.12 -19.08 -12.48
N LEU A 69 4.92 -18.27 -13.13
CA LEU A 69 5.77 -18.81 -14.21
C LEU A 69 4.93 -19.67 -15.15
N LYS A 70 4.16 -19.01 -15.97
CA LYS A 70 3.31 -19.76 -16.93
C LYS A 70 3.17 -19.00 -18.25
N THR A 71 3.76 -19.54 -19.29
CA THR A 71 3.67 -18.88 -20.61
C THR A 71 2.63 -19.55 -21.50
N THR A 72 1.54 -18.87 -21.73
CA THR A 72 0.47 -19.47 -22.58
C THR A 72 0.61 -18.98 -24.01
N SER A 73 1.70 -19.32 -24.64
CA SER A 73 1.89 -18.90 -26.05
C SER A 73 1.40 -19.96 -27.02
N MET A 1 -36.16 10.70 -9.23
CA MET A 1 -35.03 10.01 -8.52
C MET A 1 -34.10 11.05 -7.89
N SER A 2 -33.19 10.59 -7.08
CA SER A 2 -32.25 11.53 -6.43
C SER A 2 -30.89 10.87 -6.21
N HIS A 3 -30.47 10.10 -7.17
CA HIS A 3 -29.14 9.42 -7.03
C HIS A 3 -28.49 9.24 -8.40
N MET A 4 -28.05 10.32 -8.97
CA MET A 4 -27.39 10.22 -10.31
C MET A 4 -26.32 11.29 -10.47
N LEU A 5 -26.72 12.53 -10.33
CA LEU A 5 -25.74 13.63 -10.48
C LEU A 5 -24.77 13.65 -9.31
N GLU A 6 -23.50 13.80 -9.61
CA GLU A 6 -22.49 13.83 -8.52
C GLU A 6 -22.63 15.09 -7.69
N GLY A 7 -21.55 15.80 -7.52
CA GLY A 7 -21.61 17.06 -6.72
C GLY A 7 -20.23 17.67 -6.55
N ARG A 8 -19.83 17.88 -5.32
CA ARG A 8 -18.50 18.47 -5.05
C ARG A 8 -18.00 18.06 -3.67
N LYS A 9 -18.92 17.80 -2.78
CA LYS A 9 -18.53 17.40 -1.42
C LYS A 9 -18.08 15.94 -1.37
N LYS A 10 -16.98 15.66 -2.02
CA LYS A 10 -16.48 14.26 -2.03
C LYS A 10 -14.96 14.24 -2.00
N ARG A 11 -14.40 13.18 -1.49
CA ARG A 11 -12.92 13.10 -1.42
C ARG A 11 -12.47 11.65 -1.32
N VAL A 12 -11.34 11.37 -1.91
CA VAL A 12 -10.81 9.98 -1.86
C VAL A 12 -9.29 9.99 -1.68
N PRO A 13 -8.76 8.92 -1.14
CA PRO A 13 -7.32 8.80 -0.90
C PRO A 13 -6.53 9.02 -2.17
N TYR A 14 -5.29 9.38 -2.02
CA TYR A 14 -4.45 9.61 -3.22
C TYR A 14 -4.29 8.34 -4.04
N THR A 15 -4.41 7.21 -3.37
CA THR A 15 -4.26 5.91 -4.08
C THR A 15 -2.91 5.80 -4.77
N LYS A 16 -2.79 6.45 -5.89
CA LYS A 16 -1.50 6.38 -6.62
C LYS A 16 -0.35 6.72 -5.68
N VAL A 17 -0.48 7.79 -4.93
CA VAL A 17 0.61 8.16 -4.01
C VAL A 17 0.67 7.14 -2.91
N GLN A 18 -0.48 6.71 -2.52
CA GLN A 18 -0.60 5.70 -1.46
C GLN A 18 0.12 4.42 -1.89
N LEU A 19 -0.28 3.90 -3.02
CA LEU A 19 0.35 2.64 -3.51
C LEU A 19 1.80 2.89 -3.95
N LYS A 20 2.14 4.14 -4.13
CA LYS A 20 3.53 4.46 -4.56
C LYS A 20 4.41 4.70 -3.36
N GLU A 21 3.87 5.32 -2.34
CA GLU A 21 4.71 5.58 -1.13
C GLU A 21 4.86 4.28 -0.41
N LEU A 22 4.03 3.38 -0.78
CA LEU A 22 4.04 2.05 -0.17
C LEU A 22 5.06 1.16 -0.87
N GLU A 23 5.01 1.17 -2.17
CA GLU A 23 5.96 0.34 -2.94
C GLU A 23 7.36 0.91 -2.83
N ARG A 24 7.42 2.18 -2.52
CA ARG A 24 8.73 2.82 -2.39
C ARG A 24 9.36 2.45 -1.07
N GLU A 25 8.66 2.75 -0.01
CA GLU A 25 9.21 2.40 1.31
C GLU A 25 9.62 0.94 1.33
N TYR A 26 9.02 0.18 0.44
CA TYR A 26 9.34 -1.26 0.38
C TYR A 26 10.62 -1.45 -0.43
N ALA A 27 10.75 -0.68 -1.48
CA ALA A 27 11.95 -0.80 -2.33
C ALA A 27 13.06 0.13 -1.83
N THR A 28 12.69 1.05 -0.98
CA THR A 28 13.70 1.99 -0.44
C THR A 28 14.65 1.27 0.47
N ASN A 29 14.14 0.26 1.12
CA ASN A 29 15.00 -0.51 2.04
C ASN A 29 14.40 -1.89 2.30
N LYS A 30 13.55 -1.96 3.30
CA LYS A 30 12.92 -3.26 3.63
C LYS A 30 11.60 -3.00 4.34
N PHE A 31 11.70 -2.38 5.47
CA PHE A 31 10.50 -2.08 6.24
C PHE A 31 10.75 -0.82 7.04
N ILE A 32 9.70 -0.18 7.41
CA ILE A 32 9.83 1.06 8.19
C ILE A 32 9.45 0.88 9.67
N THR A 33 9.97 1.75 10.49
CA THR A 33 9.68 1.67 11.96
C THR A 33 8.21 1.92 12.24
N LYS A 34 7.78 1.47 13.40
CA LYS A 34 6.35 1.66 13.79
C LYS A 34 5.94 3.13 13.71
N ASP A 35 6.87 4.00 13.94
CA ASP A 35 6.53 5.43 13.87
C ASP A 35 6.38 5.86 12.43
N LYS A 36 7.13 5.25 11.57
CA LYS A 36 7.05 5.61 10.16
C LYS A 36 5.91 4.84 9.51
N ARG A 37 5.44 3.83 10.20
CA ARG A 37 4.33 3.03 9.66
C ARG A 37 3.09 3.86 9.75
N ARG A 38 2.89 4.36 10.93
CA ARG A 38 1.73 5.20 11.20
C ARG A 38 1.79 6.46 10.36
N ARG A 39 2.99 6.91 10.07
CA ARG A 39 3.10 8.15 9.27
C ARG A 39 2.46 7.87 7.94
N ILE A 40 2.77 6.72 7.40
CA ILE A 40 2.17 6.39 6.12
C ILE A 40 0.68 6.49 6.30
N SER A 41 0.12 5.56 7.05
CA SER A 41 -1.35 5.60 7.28
C SER A 41 -1.83 7.04 7.53
N ALA A 42 -0.93 7.88 8.02
CA ALA A 42 -1.32 9.29 8.29
C ALA A 42 -1.16 10.11 7.03
N THR A 43 -0.25 9.70 6.21
CA THR A 43 -0.01 10.43 4.96
C THR A 43 -0.88 9.82 3.89
N THR A 44 -1.15 8.57 4.07
CA THR A 44 -1.99 7.84 3.12
C THR A 44 -3.43 7.96 3.57
N ASN A 45 -3.59 8.18 4.86
CA ASN A 45 -4.95 8.31 5.44
C ASN A 45 -5.65 6.98 5.71
N LEU A 46 -5.10 6.17 6.60
CA LEU A 46 -5.74 4.86 6.90
C LEU A 46 -5.73 4.61 8.41
N SER A 47 -5.88 3.37 8.80
CA SER A 47 -5.89 3.06 10.25
C SER A 47 -4.48 3.11 10.82
N GLU A 48 -3.68 2.19 10.38
CA GLU A 48 -2.27 2.09 10.84
C GLU A 48 -1.88 0.66 10.69
N ARG A 49 -2.44 -0.17 11.52
CA ARG A 49 -2.11 -1.59 11.41
C ARG A 49 -2.37 -1.94 9.96
N GLN A 50 -3.16 -1.08 9.35
CA GLN A 50 -3.48 -1.29 7.94
C GLN A 50 -2.22 -1.26 7.13
N VAL A 51 -1.45 -0.19 7.28
CA VAL A 51 -0.19 -0.11 6.51
C VAL A 51 0.59 -1.38 6.79
N THR A 52 0.75 -1.63 8.04
CA THR A 52 1.47 -2.82 8.46
C THR A 52 1.00 -4.00 7.67
N ILE A 53 -0.30 -4.12 7.62
CA ILE A 53 -0.90 -5.23 6.88
C ILE A 53 -0.78 -4.96 5.40
N TRP A 54 -0.74 -3.71 5.07
CA TRP A 54 -0.63 -3.33 3.67
C TRP A 54 0.67 -3.86 3.18
N PHE A 55 1.66 -3.73 4.01
CA PHE A 55 2.97 -4.23 3.60
C PHE A 55 2.94 -5.74 3.50
N GLN A 56 2.27 -6.36 4.42
CA GLN A 56 2.18 -7.83 4.39
C GLN A 56 1.32 -8.26 3.23
N ASN A 57 0.47 -7.36 2.80
CA ASN A 57 -0.41 -7.69 1.67
C ASN A 57 0.38 -7.52 0.42
N ARG A 58 1.27 -6.59 0.50
CA ARG A 58 2.13 -6.32 -0.63
C ARG A 58 3.09 -7.47 -0.78
N ARG A 59 3.25 -8.18 0.32
CA ARG A 59 4.17 -9.34 0.32
C ARG A 59 3.38 -10.55 -0.11
N VAL A 60 2.10 -10.43 0.06
CA VAL A 60 1.21 -11.53 -0.32
C VAL A 60 0.81 -11.35 -1.78
N LYS A 61 1.13 -10.19 -2.29
CA LYS A 61 0.80 -9.88 -3.69
C LYS A 61 1.96 -10.29 -4.59
N GLU A 62 3.16 -10.13 -4.09
CA GLU A 62 4.33 -10.50 -4.91
C GLU A 62 4.49 -12.00 -4.92
N LYS A 63 4.26 -12.59 -3.78
CA LYS A 63 4.38 -14.06 -3.70
C LYS A 63 3.62 -14.73 -4.82
N LYS A 64 2.83 -13.95 -5.50
CA LYS A 64 2.06 -14.52 -6.61
C LYS A 64 3.02 -14.86 -7.72
N VAL A 65 4.27 -14.61 -7.45
CA VAL A 65 5.31 -14.89 -8.44
C VAL A 65 5.47 -16.40 -8.64
N ILE A 66 5.34 -17.13 -7.58
CA ILE A 66 5.47 -18.60 -7.67
C ILE A 66 4.61 -19.14 -8.81
N ASN A 67 3.73 -18.30 -9.31
CA ASN A 67 2.85 -18.72 -10.43
C ASN A 67 2.84 -17.68 -11.54
N LYS A 68 2.91 -18.15 -12.76
CA LYS A 68 2.93 -17.21 -13.91
C LYS A 68 4.06 -16.20 -13.78
N LEU A 69 5.15 -16.48 -14.43
CA LEU A 69 6.31 -15.55 -14.37
C LEU A 69 7.22 -15.74 -15.58
N LYS A 70 8.17 -14.87 -15.73
CA LYS A 70 9.10 -14.99 -16.88
C LYS A 70 9.59 -16.42 -17.04
N THR A 71 8.89 -17.17 -17.86
CA THR A 71 9.30 -18.58 -18.07
C THR A 71 8.67 -19.14 -19.34
N THR A 72 7.37 -19.11 -19.41
CA THR A 72 6.70 -19.63 -20.62
C THR A 72 7.28 -19.01 -21.88
N SER A 73 7.15 -19.70 -22.97
CA SER A 73 7.70 -19.17 -24.24
C SER A 73 9.14 -18.70 -24.06
#